data_7JT6
#
_entry.id   7JT6
#
_cell.length_a   54.156
_cell.length_b   104.178
_cell.length_c   153.700
_cell.angle_alpha   90.000
_cell.angle_beta   90.000
_cell.angle_gamma   90.000
#
_symmetry.space_group_name_H-M   'P 21 21 21'
#
loop_
_entity.id
_entity.type
_entity.pdbx_description
1 polymer 'ATP-dependent dethiobiotin synthetase BioD'
2 non-polymer '{(1S,2R)-2-[4-(1H-tetrazol-5-yl)benzene-1-carbonyl]cyclopentyl}acetic acid'
3 non-polymer GLYCEROL
4 non-polymer 'SULFATE ION'
5 water water
#
_entity_poly.entity_id   1
_entity_poly.type   'polypeptide(L)'
_entity_poly.pdbx_seq_one_letter_code
;HHHHHHGGTILVVTGTGTGVGKTVVCAALASAARQAGIDVAVCKPVQTGTARGDDDLAEVGRLAGVTQLAGLARYPQPMA
PAAAAEHAGMALPARDQIVRLIADLDRPGRLTLVEGAGGLLVELAEPGVTLRDVAVDVAAAALVVVTADLGTLNHTKLTL
EALAAQQVSCAGLVIGSWPDPPGLVAASNRSALARIAMVRAALPAGAASLDAGDFAAMSAAAFDRNWVAGLVG
;
_entity_poly.pdbx_strand_id   A,B,C,D
#
# COMPACT_ATOMS: atom_id res chain seq x y z
N GLY A 7 -11.84 -3.75 -20.21
CA GLY A 7 -11.73 -2.30 -20.23
C GLY A 7 -10.29 -1.84 -20.14
N GLY A 8 -10.09 -0.54 -19.97
CA GLY A 8 -8.76 0.05 -19.86
C GLY A 8 -8.40 0.40 -18.44
N THR A 9 -7.72 1.51 -18.28
CA THR A 9 -7.26 1.98 -16.97
C THR A 9 -8.02 3.24 -16.60
N ILE A 10 -8.66 3.22 -15.43
CA ILE A 10 -9.35 4.38 -14.88
C ILE A 10 -8.53 4.92 -13.73
N LEU A 11 -8.25 6.21 -13.74
CA LEU A 11 -7.58 6.90 -12.64
C LEU A 11 -8.47 8.06 -12.20
N VAL A 12 -8.89 8.04 -10.95
CA VAL A 12 -9.45 9.25 -10.35
C VAL A 12 -8.29 10.15 -9.96
N VAL A 13 -8.41 11.43 -10.31
CA VAL A 13 -7.41 12.43 -9.95
C VAL A 13 -8.03 13.30 -8.88
N THR A 14 -7.60 13.10 -7.64
CA THR A 14 -8.09 13.85 -6.50
C THR A 14 -6.98 14.78 -6.00
N GLY A 15 -7.22 15.42 -4.86
CA GLY A 15 -6.24 16.32 -4.29
C GLY A 15 -6.38 16.40 -2.78
N THR A 16 -5.39 17.02 -2.15
CA THR A 16 -5.48 17.30 -0.73
C THR A 16 -6.50 18.40 -0.42
N GLY A 17 -6.97 19.13 -1.41
CA GLY A 17 -7.96 20.18 -1.20
C GLY A 17 -8.32 20.92 -2.47
N THR A 18 -8.76 22.17 -2.31
CA THR A 18 -9.19 22.99 -3.44
C THR A 18 -8.02 23.82 -3.95
N GLY A 19 -7.97 24.00 -5.27
CA GLY A 19 -6.94 24.81 -5.89
C GLY A 19 -5.53 24.30 -5.70
N VAL A 20 -5.32 22.98 -5.72
CA VAL A 20 -3.99 22.41 -5.52
C VAL A 20 -3.33 22.00 -6.83
N GLY A 21 -4.03 22.08 -7.95
CA GLY A 21 -3.48 21.73 -9.24
C GLY A 21 -4.06 20.48 -9.89
N LYS A 22 -5.26 20.06 -9.49
CA LYS A 22 -5.88 18.87 -10.08
C LYS A 22 -5.99 18.99 -11.60
N THR A 23 -6.43 20.15 -12.09
CA THR A 23 -6.67 20.32 -13.51
C THR A 23 -5.37 20.26 -14.31
N VAL A 24 -4.35 21.00 -13.86
CA VAL A 24 -3.09 21.03 -14.60
C VAL A 24 -2.40 19.67 -14.55
N VAL A 25 -2.54 18.94 -13.45
CA VAL A 25 -1.98 17.60 -13.37
C VAL A 25 -2.71 16.65 -14.32
N CYS A 26 -4.04 16.75 -14.35
CA CYS A 26 -4.82 15.99 -15.34
C CYS A 26 -4.32 16.26 -16.75
N ALA A 27 -4.12 17.54 -17.08
CA ALA A 27 -3.61 17.89 -18.41
C ALA A 27 -2.20 17.36 -18.63
N ALA A 28 -1.34 17.48 -17.62
CA ALA A 28 0.04 17.04 -17.77
C ALA A 28 0.13 15.54 -18.00
N LEU A 29 -0.64 14.75 -17.22
CA LEU A 29 -0.63 13.31 -17.39
C LEU A 29 -1.31 12.91 -18.69
N ALA A 30 -2.39 13.60 -19.05
CA ALA A 30 -3.03 13.37 -20.34
C ALA A 30 -2.06 13.64 -21.49
N SER A 31 -1.33 14.76 -21.40
CA SER A 31 -0.34 15.07 -22.42
C SER A 31 0.75 14.02 -22.46
N ALA A 32 1.22 13.57 -21.29
CA ALA A 32 2.31 12.60 -21.26
C ALA A 32 1.86 11.26 -21.83
N ALA A 33 0.63 10.84 -21.54
CA ALA A 33 0.13 9.57 -22.06
C ALA A 33 -0.11 9.65 -23.56
N ARG A 34 -0.62 10.77 -24.05
CA ARG A 34 -0.88 10.91 -25.49
C ARG A 34 0.41 10.89 -26.29
N GLN A 35 1.50 11.43 -25.73
CA GLN A 35 2.79 11.38 -26.40
C GLN A 35 3.39 9.98 -26.39
N ALA A 36 2.92 9.11 -25.50
CA ALA A 36 3.31 7.71 -25.51
C ALA A 36 2.40 6.86 -26.38
N GLY A 37 1.44 7.47 -27.07
CA GLY A 37 0.52 6.76 -27.94
C GLY A 37 -0.74 6.27 -27.26
N ILE A 38 -0.94 6.59 -25.98
CA ILE A 38 -2.10 6.10 -25.24
C ILE A 38 -3.30 7.01 -25.54
N ASP A 39 -4.44 6.39 -25.84
CA ASP A 39 -5.68 7.15 -26.00
C ASP A 39 -6.16 7.62 -24.64
N VAL A 40 -6.47 8.90 -24.53
CA VAL A 40 -6.83 9.50 -23.25
C VAL A 40 -8.23 10.08 -23.34
N ALA A 41 -9.05 9.80 -22.32
CA ALA A 41 -10.31 10.48 -22.09
C ALA A 41 -10.28 11.08 -20.69
N VAL A 42 -10.83 12.28 -20.57
CA VAL A 42 -10.92 12.99 -19.30
C VAL A 42 -12.38 13.35 -19.06
N CYS A 43 -12.90 13.00 -17.88
CA CYS A 43 -14.27 13.32 -17.52
C CYS A 43 -14.30 14.11 -16.22
N LYS A 44 -15.30 14.97 -16.10
CA LYS A 44 -15.47 15.86 -14.95
C LYS A 44 -16.90 15.65 -14.44
N PRO A 45 -17.09 14.78 -13.45
CA PRO A 45 -18.46 14.48 -13.00
C PRO A 45 -19.23 15.70 -12.52
N VAL A 46 -18.59 16.55 -11.71
CA VAL A 46 -19.23 17.74 -11.18
C VAL A 46 -18.30 18.92 -11.41
N GLN A 47 -18.81 19.94 -12.08
CA GLN A 47 -18.07 21.18 -12.34
C GLN A 47 -18.87 22.33 -11.73
N THR A 48 -18.27 23.00 -10.75
CA THR A 48 -18.86 24.20 -10.19
C THR A 48 -18.16 25.43 -10.75
N GLY A 49 -18.64 26.61 -10.36
CA GLY A 49 -18.02 27.83 -10.79
C GLY A 49 -18.20 28.16 -12.26
N THR A 50 -19.22 27.61 -12.91
CA THR A 50 -19.44 27.91 -14.33
C THR A 50 -19.85 29.35 -14.53
N ALA A 51 -20.49 29.98 -13.53
CA ALA A 51 -20.79 31.40 -13.59
C ALA A 51 -19.53 32.25 -13.55
N ARG A 52 -18.38 31.67 -13.23
CA ARG A 52 -17.09 32.35 -13.28
C ARG A 52 -16.31 31.99 -14.53
N GLY A 53 -16.80 31.07 -15.35
CA GLY A 53 -16.09 30.62 -16.52
C GLY A 53 -15.24 29.39 -16.32
N ASP A 54 -15.28 28.79 -15.12
CA ASP A 54 -14.53 27.56 -14.86
C ASP A 54 -15.00 26.44 -15.78
N ASP A 55 -14.05 25.86 -16.51
CA ASP A 55 -14.33 24.67 -17.32
C ASP A 55 -13.03 23.86 -17.37
N ASP A 56 -12.87 22.96 -16.39
CA ASP A 56 -11.65 22.16 -16.31
C ASP A 56 -11.49 21.29 -17.56
N LEU A 57 -12.59 20.77 -18.11
CA LEU A 57 -12.51 20.00 -19.34
C LEU A 57 -11.97 20.84 -20.48
N ALA A 58 -12.48 22.07 -20.63
CA ALA A 58 -11.99 22.94 -21.69
C ALA A 58 -10.52 23.28 -21.49
N GLU A 59 -10.10 23.49 -20.24
CA GLU A 59 -8.70 23.79 -19.98
C GLU A 59 -7.82 22.59 -20.31
N VAL A 60 -8.26 21.38 -19.94
CA VAL A 60 -7.48 20.18 -20.21
C VAL A 60 -7.32 19.98 -21.71
N GLY A 61 -8.41 20.14 -22.46
CA GLY A 61 -8.30 20.06 -23.91
C GLY A 61 -7.38 21.14 -24.49
N ARG A 62 -7.46 22.35 -23.93
N ARG A 62 -7.47 22.35 -23.94
CA ARG A 62 -6.63 23.43 -24.44
CA ARG A 62 -6.63 23.44 -24.42
C ARG A 62 -5.16 23.21 -24.12
C ARG A 62 -5.16 23.18 -24.13
N LEU A 63 -4.86 22.65 -22.95
CA LEU A 63 -3.47 22.44 -22.56
C LEU A 63 -2.86 21.19 -23.20
N ALA A 64 -3.59 20.06 -23.18
CA ALA A 64 -3.04 18.79 -23.60
C ALA A 64 -3.55 18.30 -24.95
N GLY A 65 -4.57 18.93 -25.51
CA GLY A 65 -5.11 18.47 -26.77
C GLY A 65 -6.03 17.27 -26.67
N VAL A 66 -6.58 17.00 -25.49
CA VAL A 66 -7.54 15.91 -25.33
C VAL A 66 -8.85 16.31 -25.99
N THR A 67 -9.38 15.43 -26.83
CA THR A 67 -10.64 15.67 -27.51
C THR A 67 -11.82 14.94 -26.87
N GLN A 68 -11.56 13.80 -26.22
CA GLN A 68 -12.61 13.01 -25.58
C GLN A 68 -12.81 13.55 -24.17
N LEU A 69 -13.72 14.51 -24.06
CA LEU A 69 -14.01 15.22 -22.82
C LEU A 69 -15.49 15.02 -22.49
N ALA A 70 -15.76 14.56 -21.28
CA ALA A 70 -17.12 14.18 -20.89
C ALA A 70 -17.48 14.83 -19.57
N GLY A 71 -18.50 15.68 -19.57
CA GLY A 71 -19.03 16.29 -18.37
C GLY A 71 -20.38 15.69 -17.99
N LEU A 72 -20.86 16.13 -16.83
CA LEU A 72 -22.17 15.68 -16.35
C LEU A 72 -22.94 16.80 -15.67
N ALA A 73 -22.51 17.18 -14.46
CA ALA A 73 -23.18 18.20 -13.68
C ALA A 73 -22.39 19.50 -13.72
N ARG A 74 -23.09 20.61 -13.93
CA ARG A 74 -22.50 21.94 -13.98
C ARG A 74 -23.32 22.88 -13.12
N TYR A 75 -22.66 23.59 -12.21
CA TYR A 75 -23.33 24.52 -11.31
C TYR A 75 -22.62 25.87 -11.35
N PRO A 76 -23.38 26.97 -11.25
CA PRO A 76 -22.80 28.31 -11.44
C PRO A 76 -21.80 28.76 -10.39
N GLN A 77 -22.14 28.64 -9.11
CA GLN A 77 -21.34 29.30 -8.08
C GLN A 77 -20.02 28.57 -7.87
N PRO A 78 -18.93 29.30 -7.63
CA PRO A 78 -17.64 28.64 -7.33
C PRO A 78 -17.59 28.16 -5.89
N MET A 79 -18.39 27.15 -5.59
CA MET A 79 -18.48 26.60 -4.24
C MET A 79 -18.34 25.09 -4.29
N ALA A 80 -18.40 24.47 -3.12
CA ALA A 80 -18.47 23.02 -3.06
C ALA A 80 -19.71 22.54 -3.83
N PRO A 81 -19.64 21.37 -4.45
CA PRO A 81 -20.78 20.88 -5.26
C PRO A 81 -22.13 20.94 -4.55
N ALA A 82 -22.20 20.44 -3.32
CA ALA A 82 -23.46 20.46 -2.58
C ALA A 82 -23.97 21.88 -2.39
N ALA A 83 -23.07 22.82 -2.09
CA ALA A 83 -23.50 24.21 -1.90
C ALA A 83 -23.86 24.87 -3.22
N ALA A 84 -23.06 24.61 -4.27
CA ALA A 84 -23.33 25.21 -5.57
C ALA A 84 -24.65 24.72 -6.15
N ALA A 85 -24.97 23.44 -5.95
CA ALA A 85 -26.26 22.91 -6.41
C ALA A 85 -27.42 23.56 -5.66
N GLU A 86 -27.28 23.67 -4.33
CA GLU A 86 -28.35 24.26 -3.54
C GLU A 86 -28.59 25.72 -3.92
N HIS A 87 -27.52 26.47 -4.18
CA HIS A 87 -27.68 27.87 -4.57
C HIS A 87 -28.43 27.99 -5.89
N ALA A 88 -28.22 27.05 -6.81
CA ALA A 88 -28.87 27.07 -8.10
C ALA A 88 -30.24 26.40 -8.11
N GLY A 89 -30.69 25.89 -6.97
CA GLY A 89 -31.95 25.17 -6.94
C GLY A 89 -31.91 23.86 -7.70
N MET A 90 -30.74 23.24 -7.81
CA MET A 90 -30.54 22.02 -8.57
C MET A 90 -30.09 20.91 -7.64
N ALA A 91 -30.31 19.67 -8.07
CA ALA A 91 -29.90 18.51 -7.30
C ALA A 91 -28.53 18.04 -7.75
N LEU A 92 -27.82 17.37 -6.84
CA LEU A 92 -26.60 16.70 -7.20
C LEU A 92 -26.93 15.46 -8.04
N PRO A 93 -26.00 15.01 -8.89
CA PRO A 93 -26.27 13.80 -9.67
C PRO A 93 -26.34 12.58 -8.79
N ALA A 94 -26.85 11.50 -9.35
CA ALA A 94 -26.88 10.24 -8.64
C ALA A 94 -25.52 9.54 -8.75
N ARG A 95 -25.25 8.66 -7.80
CA ARG A 95 -23.99 7.91 -7.80
C ARG A 95 -23.83 7.11 -9.09
N ASP A 96 -24.90 6.44 -9.53
CA ASP A 96 -24.82 5.64 -10.74
C ASP A 96 -24.62 6.50 -11.98
N GLN A 97 -25.09 7.75 -11.95
CA GLN A 97 -24.88 8.65 -13.08
C GLN A 97 -23.40 8.95 -13.28
N ILE A 98 -22.66 9.14 -12.18
CA ILE A 98 -21.22 9.35 -12.28
C ILE A 98 -20.54 8.08 -12.78
N VAL A 99 -20.98 6.92 -12.30
CA VAL A 99 -20.39 5.65 -12.72
C VAL A 99 -20.65 5.40 -14.20
N ARG A 100 -21.86 5.68 -14.67
CA ARG A 100 -22.18 5.52 -16.09
C ARG A 100 -21.30 6.42 -16.95
N LEU A 101 -21.09 7.66 -16.50
CA LEU A 101 -20.21 8.58 -17.22
C LEU A 101 -18.83 7.98 -17.43
N ILE A 102 -18.28 7.33 -16.42
CA ILE A 102 -16.93 6.78 -16.52
C ILE A 102 -16.94 5.48 -17.32
N ALA A 103 -17.94 4.63 -17.08
CA ALA A 103 -18.01 3.34 -17.75
C ALA A 103 -18.07 3.50 -19.26
N ASP A 104 -18.85 4.47 -19.74
CA ASP A 104 -18.99 4.70 -21.17
C ASP A 104 -17.71 5.19 -21.81
N LEU A 105 -16.79 5.76 -21.03
CA LEU A 105 -15.48 6.11 -21.55
C LEU A 105 -14.49 4.96 -21.48
N ASP A 106 -14.64 4.07 -20.51
CA ASP A 106 -13.65 3.01 -20.30
C ASP A 106 -13.54 2.15 -21.56
N ARG A 107 -12.30 1.76 -21.88
CA ARG A 107 -11.94 1.25 -23.18
C ARG A 107 -10.56 0.60 -23.08
N PRO A 108 -10.40 -0.65 -23.52
CA PRO A 108 -9.06 -1.24 -23.52
C PRO A 108 -8.08 -0.37 -24.29
N GLY A 109 -6.87 -0.21 -23.73
CA GLY A 109 -5.86 0.63 -24.31
C GLY A 109 -6.02 2.11 -24.03
N ARG A 110 -7.06 2.51 -23.29
CA ARG A 110 -7.34 3.91 -23.01
C ARG A 110 -7.12 4.23 -21.54
N LEU A 111 -6.56 5.41 -21.29
CA LEU A 111 -6.43 5.94 -19.94
C LEU A 111 -7.54 6.96 -19.71
N THR A 112 -8.47 6.65 -18.81
CA THR A 112 -9.58 7.54 -18.49
C THR A 112 -9.31 8.20 -17.14
N LEU A 113 -9.10 9.51 -17.16
CA LEU A 113 -8.87 10.27 -15.94
C LEU A 113 -10.19 10.87 -15.46
N VAL A 114 -10.47 10.71 -14.17
CA VAL A 114 -11.67 11.25 -13.55
C VAL A 114 -11.22 12.34 -12.59
N GLU A 115 -11.38 13.60 -13.01
CA GLU A 115 -10.98 14.71 -12.17
C GLU A 115 -12.08 15.04 -11.17
N GLY A 116 -11.71 15.11 -9.89
CA GLY A 116 -12.65 15.46 -8.86
C GLY A 116 -12.80 16.95 -8.69
N ALA A 117 -13.68 17.32 -7.77
CA ALA A 117 -13.86 18.69 -7.35
C ALA A 117 -13.42 18.82 -5.91
N GLY A 118 -12.48 19.73 -5.64
CA GLY A 118 -11.93 19.83 -4.30
C GLY A 118 -11.20 18.57 -3.91
N GLY A 119 -11.32 18.20 -2.63
CA GLY A 119 -10.62 17.08 -2.07
C GLY A 119 -11.41 15.77 -2.16
N LEU A 120 -10.85 14.74 -1.53
CA LEU A 120 -11.31 13.38 -1.74
C LEU A 120 -12.71 13.14 -1.17
N LEU A 121 -12.99 13.72 0.01
CA LEU A 121 -14.25 13.47 0.69
C LEU A 121 -15.31 14.51 0.38
N VAL A 122 -15.10 15.31 -0.68
CA VAL A 122 -16.14 16.23 -1.13
C VAL A 122 -17.32 15.44 -1.67
N GLU A 123 -18.52 15.79 -1.22
CA GLU A 123 -19.71 15.13 -1.71
C GLU A 123 -19.93 15.49 -3.17
N LEU A 124 -20.03 14.45 -4.02
CA LEU A 124 -20.34 14.62 -5.43
C LEU A 124 -21.73 14.13 -5.80
N ALA A 125 -22.32 13.25 -5.00
CA ALA A 125 -23.65 12.72 -5.22
C ALA A 125 -24.33 12.54 -3.87
N GLU A 126 -25.65 12.61 -3.87
CA GLU A 126 -26.34 12.35 -2.62
C GLU A 126 -26.57 10.84 -2.46
N PRO A 127 -26.52 10.33 -1.22
CA PRO A 127 -26.23 11.05 0.02
C PRO A 127 -24.78 10.89 0.51
N GLY A 128 -24.01 11.97 0.43
CA GLY A 128 -22.64 11.91 0.90
C GLY A 128 -21.72 11.02 0.08
N VAL A 129 -22.03 10.83 -1.19
CA VAL A 129 -21.19 10.01 -2.06
C VAL A 129 -20.01 10.85 -2.54
N THR A 130 -18.80 10.32 -2.36
CA THR A 130 -17.59 11.04 -2.70
C THR A 130 -16.87 10.36 -3.86
N LEU A 131 -15.76 10.98 -4.28
CA LEU A 131 -14.94 10.40 -5.33
C LEU A 131 -14.33 9.07 -4.88
N ARG A 132 -14.12 8.90 -3.58
CA ARG A 132 -13.62 7.62 -3.07
C ARG A 132 -14.62 6.50 -3.34
N ASP A 133 -15.91 6.76 -3.08
CA ASP A 133 -16.94 5.80 -3.42
C ASP A 133 -16.94 5.48 -4.90
N VAL A 134 -16.78 6.50 -5.74
CA VAL A 134 -16.78 6.30 -7.18
C VAL A 134 -15.63 5.40 -7.59
N ALA A 135 -14.44 5.63 -7.01
CA ALA A 135 -13.27 4.82 -7.36
C ALA A 135 -13.47 3.36 -6.99
N VAL A 136 -14.13 3.10 -5.86
CA VAL A 136 -14.48 1.74 -5.49
C VAL A 136 -15.43 1.12 -6.52
N ASP A 137 -16.41 1.91 -6.97
CA ASP A 137 -17.39 1.39 -7.93
C ASP A 137 -16.73 0.98 -9.24
N VAL A 138 -15.78 1.78 -9.73
CA VAL A 138 -15.16 1.53 -11.02
C VAL A 138 -13.77 0.90 -10.89
N ALA A 139 -13.39 0.50 -9.68
CA ALA A 139 -12.10 -0.16 -9.43
C ALA A 139 -10.94 0.67 -9.97
N ALA A 140 -10.98 1.96 -9.68
CA ALA A 140 -9.95 2.89 -10.12
C ALA A 140 -8.94 3.13 -9.00
N ALA A 141 -7.69 3.31 -9.38
CA ALA A 141 -6.69 3.84 -8.47
C ALA A 141 -6.85 5.35 -8.38
N ALA A 142 -6.16 5.96 -7.41
CA ALA A 142 -6.33 7.37 -7.10
C ALA A 142 -4.98 8.07 -7.18
N LEU A 143 -4.88 9.06 -8.07
CA LEU A 143 -3.70 9.91 -8.15
C LEU A 143 -3.97 11.16 -7.33
N VAL A 144 -3.12 11.42 -6.34
CA VAL A 144 -3.34 12.47 -5.36
C VAL A 144 -2.44 13.67 -5.68
N VAL A 145 -3.06 14.80 -5.98
CA VAL A 145 -2.32 16.04 -6.21
C VAL A 145 -2.14 16.75 -4.88
N VAL A 146 -0.92 17.17 -4.59
CA VAL A 146 -0.58 17.83 -3.33
C VAL A 146 0.19 19.10 -3.64
N THR A 147 0.24 20.00 -2.66
CA THR A 147 1.06 21.18 -2.77
C THR A 147 2.41 20.95 -2.11
N ALA A 148 3.33 21.88 -2.34
CA ALA A 148 4.60 21.91 -1.63
C ALA A 148 4.57 22.85 -0.45
N ASP A 149 3.41 23.42 -0.12
CA ASP A 149 3.33 24.49 0.85
C ASP A 149 3.22 23.93 2.28
N LEU A 150 3.38 24.84 3.24
CA LEU A 150 3.25 24.50 4.64
C LEU A 150 1.91 23.82 4.92
N GLY A 151 1.98 22.67 5.59
CA GLY A 151 0.80 21.90 5.93
C GLY A 151 0.46 20.78 4.97
N THR A 152 1.30 20.53 3.96
CA THR A 152 0.93 19.56 2.93
C THR A 152 1.08 18.12 3.41
N LEU A 153 2.06 17.85 4.29
CA LEU A 153 2.28 16.49 4.76
C LEU A 153 1.06 15.96 5.50
N ASN A 154 0.48 16.80 6.37
CA ASN A 154 -0.70 16.39 7.14
C ASN A 154 -1.87 16.09 6.22
N HIS A 155 -2.16 16.99 5.27
CA HIS A 155 -3.27 16.77 4.35
C HIS A 155 -3.02 15.56 3.46
N THR A 156 -1.78 15.35 3.03
CA THR A 156 -1.46 14.18 2.20
C THR A 156 -1.69 12.89 2.99
N LYS A 157 -1.18 12.85 4.23
CA LYS A 157 -1.37 11.67 5.07
C LYS A 157 -2.86 11.41 5.33
N LEU A 158 -3.63 12.46 5.61
CA LEU A 158 -5.05 12.29 5.83
C LEU A 158 -5.74 11.74 4.59
N THR A 159 -5.35 12.22 3.41
CA THR A 159 -5.96 11.77 2.17
C THR A 159 -5.59 10.32 1.86
N LEU A 160 -4.32 9.95 2.06
CA LEU A 160 -3.90 8.58 1.79
C LEU A 160 -4.58 7.60 2.75
N GLU A 161 -4.74 8.00 4.01
CA GLU A 161 -5.43 7.15 4.97
C GLU A 161 -6.88 6.94 4.58
N ALA A 162 -7.54 8.00 4.10
CA ALA A 162 -8.92 7.86 3.63
C ALA A 162 -9.01 6.89 2.48
N LEU A 163 -8.05 6.94 1.54
CA LEU A 163 -8.03 6.00 0.44
C LEU A 163 -7.90 4.57 0.93
N ALA A 164 -6.92 4.32 1.81
CA ALA A 164 -6.70 2.97 2.32
C ALA A 164 -7.94 2.44 3.05
N ALA A 165 -8.66 3.33 3.74
CA ALA A 165 -9.81 2.89 4.54
C ALA A 165 -10.85 2.18 3.70
N GLN A 166 -10.90 2.47 2.39
CA GLN A 166 -11.84 1.80 1.49
C GLN A 166 -11.13 0.98 0.43
N GLN A 167 -9.85 0.65 0.65
N GLN A 167 -9.85 0.64 0.66
CA GLN A 167 -9.08 -0.20 -0.25
CA GLN A 167 -9.06 -0.19 -0.25
C GLN A 167 -8.97 0.42 -1.65
C GLN A 167 -9.00 0.42 -1.65
N VAL A 168 -8.84 1.73 -1.71
CA VAL A 168 -8.59 2.43 -2.97
C VAL A 168 -7.09 2.59 -3.11
N SER A 169 -6.50 1.94 -4.12
CA SER A 169 -5.06 1.99 -4.29
C SER A 169 -4.62 3.41 -4.63
N CYS A 170 -3.51 3.83 -4.05
CA CYS A 170 -2.90 5.12 -4.39
C CYS A 170 -1.96 4.93 -5.56
N ALA A 171 -2.25 5.62 -6.67
CA ALA A 171 -1.38 5.56 -7.84
C ALA A 171 -0.13 6.40 -7.69
N GLY A 172 -0.07 7.25 -6.67
CA GLY A 172 1.08 8.09 -6.41
C GLY A 172 0.67 9.52 -6.12
N LEU A 173 1.67 10.35 -5.91
CA LEU A 173 1.47 11.77 -5.66
C LEU A 173 2.01 12.60 -6.82
N VAL A 174 1.43 13.78 -7.01
CA VAL A 174 1.95 14.77 -7.93
C VAL A 174 1.92 16.12 -7.21
N ILE A 175 3.10 16.75 -7.10
CA ILE A 175 3.16 18.11 -6.61
C ILE A 175 2.63 19.03 -7.69
N GLY A 176 1.52 19.71 -7.41
CA GLY A 176 0.83 20.47 -8.44
C GLY A 176 1.60 21.69 -8.92
N SER A 177 2.39 22.30 -8.05
CA SER A 177 3.17 23.48 -8.41
C SER A 177 4.48 23.45 -7.64
N TRP A 178 5.59 23.35 -8.36
CA TRP A 178 6.91 23.27 -7.74
C TRP A 178 7.66 24.58 -7.94
N PRO A 179 7.94 25.35 -6.89
CA PRO A 179 8.56 26.66 -7.08
C PRO A 179 10.04 26.56 -7.40
N ASP A 180 10.50 27.56 -8.15
CA ASP A 180 11.91 27.68 -8.50
C ASP A 180 12.36 29.13 -8.31
N PRO A 181 13.25 29.41 -7.35
CA PRO A 181 13.86 28.44 -6.44
C PRO A 181 12.98 28.05 -5.25
N PRO A 182 13.15 26.84 -4.76
CA PRO A 182 12.36 26.39 -3.60
C PRO A 182 13.00 26.84 -2.28
N GLY A 183 12.15 27.26 -1.36
CA GLY A 183 12.60 27.60 -0.03
C GLY A 183 12.83 26.36 0.82
N LEU A 184 13.19 26.59 2.09
CA LEU A 184 13.46 25.48 3.00
C LEU A 184 12.23 24.61 3.20
N VAL A 185 11.06 25.24 3.35
CA VAL A 185 9.83 24.48 3.60
C VAL A 185 9.49 23.61 2.40
N ALA A 186 9.56 24.18 1.20
CA ALA A 186 9.21 23.43 -0.01
C ALA A 186 10.16 22.25 -0.22
N ALA A 187 11.46 22.48 -0.02
CA ALA A 187 12.43 21.39 -0.16
C ALA A 187 12.21 20.31 0.88
N SER A 188 12.02 20.71 2.14
CA SER A 188 11.73 19.74 3.19
C SER A 188 10.47 18.94 2.86
N ASN A 189 9.41 19.62 2.41
CA ASN A 189 8.16 18.93 2.15
C ASN A 189 8.31 17.91 1.03
N ARG A 190 9.09 18.23 -0.01
CA ARG A 190 9.22 17.31 -1.13
C ARG A 190 9.92 16.03 -0.70
N SER A 191 11.01 16.15 0.07
N SER A 191 11.02 16.15 0.05
CA SER A 191 11.73 14.97 0.53
CA SER A 191 11.72 14.96 0.53
C SER A 191 10.86 14.14 1.48
C SER A 191 10.83 14.13 1.46
N ALA A 192 10.06 14.80 2.31
CA ALA A 192 9.17 14.08 3.21
C ALA A 192 8.02 13.44 2.44
N LEU A 193 7.48 14.15 1.44
CA LEU A 193 6.42 13.58 0.60
C LEU A 193 6.88 12.31 -0.09
N ALA A 194 8.13 12.30 -0.59
CA ALA A 194 8.65 11.14 -1.31
C ALA A 194 8.77 9.92 -0.41
N ARG A 195 8.81 10.10 0.91
CA ARG A 195 8.83 8.98 1.84
C ARG A 195 7.44 8.53 2.24
N ILE A 196 6.44 9.41 2.14
CA ILE A 196 5.06 9.04 2.44
C ILE A 196 4.50 8.18 1.32
N ALA A 197 4.80 8.54 0.07
CA ALA A 197 4.35 7.78 -1.09
C ALA A 197 5.22 8.17 -2.27
N MET A 198 5.01 7.46 -3.38
CA MET A 198 5.82 7.67 -4.57
C MET A 198 5.36 8.94 -5.30
N VAL A 199 6.26 9.91 -5.42
CA VAL A 199 5.97 11.16 -6.11
C VAL A 199 6.18 10.91 -7.61
N ARG A 200 5.08 10.93 -8.37
CA ARG A 200 5.17 10.66 -9.80
C ARG A 200 5.74 11.83 -10.58
N ALA A 201 5.49 13.06 -10.13
CA ALA A 201 5.97 14.25 -10.83
C ALA A 201 5.85 15.44 -9.90
N ALA A 202 6.60 16.50 -10.24
CA ALA A 202 6.48 17.79 -9.58
C ALA A 202 6.45 18.83 -10.70
N LEU A 203 5.25 19.33 -11.00
CA LEU A 203 5.09 20.26 -12.11
C LEU A 203 5.68 21.62 -11.75
N PRO A 204 6.46 22.24 -12.63
CA PRO A 204 6.99 23.57 -12.35
C PRO A 204 5.87 24.58 -12.14
N ALA A 205 6.13 25.58 -11.29
CA ALA A 205 5.19 26.66 -11.10
C ALA A 205 4.87 27.32 -12.43
N GLY A 206 3.63 27.78 -12.57
CA GLY A 206 3.21 28.42 -13.81
C GLY A 206 3.08 27.52 -15.01
N ALA A 207 3.05 26.19 -14.80
CA ALA A 207 2.90 25.28 -15.92
C ALA A 207 1.56 25.49 -16.63
N ALA A 208 0.54 25.95 -15.90
CA ALA A 208 -0.78 26.20 -16.46
C ALA A 208 -0.80 27.34 -17.47
N SER A 209 0.24 28.16 -17.52
N SER A 209 0.24 28.17 -17.51
CA SER A 209 0.30 29.27 -18.46
CA SER A 209 0.31 29.28 -18.45
C SER A 209 1.15 28.97 -19.68
C SER A 209 1.08 28.95 -19.72
N LEU A 210 1.70 27.76 -19.80
CA LEU A 210 2.47 27.39 -20.97
C LEU A 210 1.55 27.17 -22.17
N ASP A 211 2.09 27.39 -23.36
CA ASP A 211 1.32 27.12 -24.58
C ASP A 211 1.42 25.63 -24.91
N ALA A 212 0.76 25.23 -26.00
CA ALA A 212 0.62 23.82 -26.35
C ALA A 212 1.98 23.14 -26.44
N GLY A 213 2.92 23.74 -27.18
CA GLY A 213 4.21 23.09 -27.38
C GLY A 213 5.00 22.97 -26.09
N ASP A 214 5.10 24.06 -25.33
CA ASP A 214 5.88 24.03 -24.09
C ASP A 214 5.22 23.13 -23.04
N PHE A 215 3.89 23.10 -23.00
CA PHE A 215 3.21 22.26 -22.01
C PHE A 215 3.47 20.79 -22.27
N ALA A 216 3.48 20.38 -23.55
CA ALA A 216 3.77 18.99 -23.87
C ALA A 216 5.20 18.62 -23.52
N ALA A 217 6.15 19.52 -23.80
CA ALA A 217 7.55 19.24 -23.45
C ALA A 217 7.72 19.14 -21.94
N MET A 218 7.06 20.03 -21.19
CA MET A 218 7.07 19.92 -19.73
C MET A 218 6.44 18.62 -19.26
N SER A 219 5.30 18.25 -19.86
CA SER A 219 4.59 17.06 -19.41
C SER A 219 5.44 15.81 -19.62
N ALA A 220 6.06 15.68 -20.79
CA ALA A 220 6.91 14.52 -21.05
C ALA A 220 8.07 14.44 -20.07
N ALA A 221 8.68 15.59 -19.76
CA ALA A 221 9.83 15.56 -18.86
C ALA A 221 9.41 15.32 -17.41
N ALA A 222 8.17 15.63 -17.06
CA ALA A 222 7.74 15.60 -15.66
C ALA A 222 7.53 14.18 -15.14
N PHE A 223 7.06 13.27 -15.99
CA PHE A 223 6.72 11.91 -15.56
C PHE A 223 7.75 10.91 -16.06
N ASP A 224 7.98 9.88 -15.25
CA ASP A 224 8.76 8.73 -15.71
C ASP A 224 8.02 8.05 -16.85
N ARG A 225 8.71 7.91 -17.99
CA ARG A 225 8.07 7.33 -19.17
C ARG A 225 7.66 5.88 -18.93
N ASN A 226 8.43 5.14 -18.13
CA ASN A 226 8.08 3.75 -17.84
C ASN A 226 6.78 3.67 -17.05
N TRP A 227 6.61 4.56 -16.06
CA TRP A 227 5.39 4.53 -15.26
C TRP A 227 4.17 4.85 -16.11
N VAL A 228 4.26 5.89 -16.94
CA VAL A 228 3.14 6.27 -17.80
C VAL A 228 2.80 5.14 -18.76
N ALA A 229 3.82 4.58 -19.41
CA ALA A 229 3.58 3.49 -20.36
C ALA A 229 2.95 2.29 -19.68
N GLY A 230 3.38 1.98 -18.46
CA GLY A 230 2.81 0.86 -17.73
C GLY A 230 1.42 1.09 -17.17
N LEU A 231 0.92 2.32 -17.26
CA LEU A 231 -0.44 2.58 -16.81
C LEU A 231 -1.47 1.85 -17.65
N VAL A 232 -1.19 1.66 -18.93
CA VAL A 232 -2.14 1.07 -19.87
C VAL A 232 -1.42 0.04 -20.72
N GLY A 233 -1.92 -1.18 -20.73
CA GLY A 233 -1.35 -2.24 -21.55
C GLY A 233 -2.19 -2.56 -22.77
N GLY B 7 -8.24 11.10 38.03
CA GLY B 7 -7.92 11.97 36.90
C GLY B 7 -8.98 13.01 36.62
N GLY B 8 -8.67 13.94 35.73
CA GLY B 8 -9.64 14.93 35.31
C GLY B 8 -10.07 14.72 33.88
N THR B 9 -10.10 15.79 33.10
CA THR B 9 -10.46 15.73 31.68
C THR B 9 -9.28 16.20 30.85
N ILE B 10 -8.85 15.37 29.91
CA ILE B 10 -7.82 15.72 28.95
C ILE B 10 -8.46 15.87 27.58
N LEU B 11 -8.21 17.01 26.94
CA LEU B 11 -8.70 17.30 25.60
C LEU B 11 -7.50 17.69 24.75
N VAL B 12 -7.27 16.96 23.67
CA VAL B 12 -6.31 17.45 22.67
C VAL B 12 -7.04 18.44 21.77
N VAL B 13 -6.40 19.56 21.50
CA VAL B 13 -6.93 20.58 20.62
C VAL B 13 -6.12 20.50 19.34
N THR B 14 -6.68 19.86 18.33
CA THR B 14 -6.05 19.72 17.03
C THR B 14 -6.73 20.65 16.04
N GLY B 15 -6.28 20.60 14.79
CA GLY B 15 -6.87 21.40 13.74
C GLY B 15 -6.86 20.67 12.42
N THR B 16 -7.61 21.23 11.46
CA THR B 16 -7.57 20.72 10.10
C THR B 16 -6.25 21.02 9.40
N GLY B 17 -5.42 21.87 9.98
CA GLY B 17 -4.13 22.18 9.37
C GLY B 17 -3.42 23.24 10.16
N THR B 18 -2.55 23.98 9.47
CA THR B 18 -1.76 25.02 10.09
C THR B 18 -2.48 26.37 10.00
N GLY B 19 -2.22 27.21 11.01
CA GLY B 19 -2.78 28.56 11.03
C GLY B 19 -4.29 28.61 11.00
N VAL B 20 -4.96 27.63 11.62
CA VAL B 20 -6.42 27.58 11.61
C VAL B 20 -7.04 28.17 12.87
N GLY B 21 -6.25 28.52 13.88
CA GLY B 21 -6.75 29.09 15.09
C GLY B 21 -6.63 28.21 16.33
N LYS B 22 -5.75 27.21 16.32
CA LYS B 22 -5.64 26.30 17.46
C LYS B 22 -5.31 27.06 18.75
N THR B 23 -4.37 28.00 18.68
CA THR B 23 -3.93 28.69 19.88
C THR B 23 -5.04 29.54 20.48
N VAL B 24 -5.73 30.31 19.64
CA VAL B 24 -6.76 31.20 20.15
C VAL B 24 -7.96 30.40 20.64
N VAL B 25 -8.21 29.22 20.06
CA VAL B 25 -9.28 28.37 20.56
C VAL B 25 -8.90 27.78 21.91
N CYS B 26 -7.65 27.34 22.05
CA CYS B 26 -7.16 26.88 23.35
C CYS B 26 -7.33 27.96 24.41
N ALA B 27 -6.97 29.20 24.06
CA ALA B 27 -7.12 30.31 24.98
C ALA B 27 -8.60 30.55 25.30
N ALA B 28 -9.45 30.53 24.27
CA ALA B 28 -10.87 30.82 24.45
C ALA B 28 -11.54 29.76 25.33
N LEU B 29 -11.27 28.49 25.07
CA LEU B 29 -11.86 27.44 25.90
C LEU B 29 -11.31 27.49 27.32
N ALA B 30 -10.01 27.75 27.46
CA ALA B 30 -9.43 27.89 28.79
C ALA B 30 -10.08 29.04 29.55
N SER B 31 -10.28 30.17 28.88
CA SER B 31 -10.94 31.31 29.51
C SER B 31 -12.37 30.98 29.90
N ALA B 32 -13.11 30.34 28.99
CA ALA B 32 -14.49 29.95 29.30
C ALA B 32 -14.53 28.95 30.45
N ALA B 33 -13.61 27.98 30.46
CA ALA B 33 -13.59 26.98 31.52
C ALA B 33 -13.26 27.60 32.87
N ARG B 34 -12.27 28.50 32.90
CA ARG B 34 -11.91 29.17 34.15
C ARG B 34 -13.09 29.97 34.69
N GLN B 35 -13.80 30.69 33.83
CA GLN B 35 -14.95 31.47 34.27
C GLN B 35 -16.08 30.59 34.80
N ALA B 36 -16.14 29.32 34.40
CA ALA B 36 -17.08 28.38 34.99
C ALA B 36 -16.57 27.78 36.30
N GLY B 37 -15.38 28.17 36.75
CA GLY B 37 -14.81 27.66 37.97
C GLY B 37 -13.89 26.47 37.78
N ILE B 38 -13.59 26.08 36.54
CA ILE B 38 -12.76 24.91 36.28
C ILE B 38 -11.28 25.33 36.30
N ASP B 39 -10.45 24.49 36.91
CA ASP B 39 -9.01 24.68 36.86
C ASP B 39 -8.49 24.19 35.52
N VAL B 40 -7.71 25.03 34.83
CA VAL B 40 -7.29 24.76 33.47
C VAL B 40 -5.76 24.71 33.41
N ALA B 41 -5.24 23.69 32.73
CA ALA B 41 -3.85 23.61 32.35
C ALA B 41 -3.76 23.41 30.84
N VAL B 42 -2.71 23.94 30.23
CA VAL B 42 -2.50 23.85 28.79
C VAL B 42 -1.08 23.34 28.54
N CYS B 43 -0.97 22.31 27.69
CA CYS B 43 0.30 21.70 27.35
C CYS B 43 0.58 21.87 25.86
N LYS B 44 1.73 22.46 25.54
CA LYS B 44 2.21 22.57 24.17
C LYS B 44 3.53 21.80 24.11
N PRO B 45 3.49 20.51 23.79
CA PRO B 45 4.73 19.71 23.86
C PRO B 45 5.84 20.24 22.99
N VAL B 46 5.54 20.59 21.75
CA VAL B 46 6.54 21.03 20.78
C VAL B 46 6.11 22.37 20.21
N GLN B 47 7.02 23.34 20.22
CA GLN B 47 6.78 24.66 19.67
C GLN B 47 7.86 24.96 18.64
N THR B 48 7.46 25.38 17.45
CA THR B 48 8.39 25.81 16.42
C THR B 48 8.23 27.31 16.17
N GLY B 49 9.08 27.84 15.30
CA GLY B 49 9.02 29.24 14.95
C GLY B 49 9.41 30.20 16.04
N THR B 50 10.21 29.76 17.01
CA THR B 50 10.59 30.64 18.12
C THR B 50 11.50 31.77 17.66
N ALA B 51 12.22 31.57 16.54
CA ALA B 51 13.13 32.61 16.06
C ALA B 51 12.40 33.90 15.76
N ARG B 52 11.19 33.81 15.20
CA ARG B 52 10.36 34.98 14.93
C ARG B 52 9.47 35.35 16.10
N GLY B 53 9.51 34.61 17.21
CA GLY B 53 8.82 34.97 18.41
C GLY B 53 7.61 34.13 18.76
N ASP B 54 7.32 33.08 17.99
CA ASP B 54 6.18 32.22 18.29
C ASP B 54 6.30 31.63 19.70
N ASP B 55 5.22 31.76 20.47
CA ASP B 55 5.16 31.17 21.82
C ASP B 55 3.67 31.04 22.14
N ASP B 56 3.10 29.89 21.76
CA ASP B 56 1.67 29.70 21.92
C ASP B 56 1.26 29.68 23.39
N LEU B 57 2.11 29.13 24.25
CA LEU B 57 1.78 29.08 25.68
C LEU B 57 1.68 30.48 26.28
N ALA B 58 2.58 31.38 25.88
CA ALA B 58 2.50 32.76 26.34
C ALA B 58 1.25 33.45 25.86
N GLU B 59 0.80 33.13 24.64
CA GLU B 59 -0.48 33.64 24.15
C GLU B 59 -1.61 33.21 25.07
N VAL B 60 -1.68 31.91 25.38
CA VAL B 60 -2.73 31.39 26.24
C VAL B 60 -2.69 32.06 27.60
N GLY B 61 -1.49 32.25 28.15
CA GLY B 61 -1.36 32.89 29.45
C GLY B 61 -1.83 34.33 29.44
N ARG B 62 -1.53 35.06 28.38
CA ARG B 62 -1.92 36.46 28.33
C ARG B 62 -3.42 36.61 28.05
N LEU B 63 -3.95 35.76 27.17
CA LEU B 63 -5.36 35.87 26.78
C LEU B 63 -6.30 35.31 27.84
N ALA B 64 -5.97 34.16 28.44
CA ALA B 64 -6.86 33.49 29.36
C ALA B 64 -6.38 33.46 30.81
N GLY B 65 -5.18 33.96 31.10
CA GLY B 65 -4.71 33.95 32.47
C GLY B 65 -4.25 32.62 33.01
N VAL B 66 -4.07 31.61 32.16
CA VAL B 66 -3.61 30.31 32.62
C VAL B 66 -2.17 30.41 33.07
N THR B 67 -1.85 29.75 34.19
CA THR B 67 -0.48 29.68 34.67
C THR B 67 0.15 28.31 34.53
N GLN B 68 -0.64 27.24 34.52
CA GLN B 68 -0.10 25.90 34.32
C GLN B 68 0.09 25.69 32.83
N LEU B 69 1.28 26.06 32.34
CA LEU B 69 1.60 26.05 30.91
C LEU B 69 2.86 25.21 30.74
N ALA B 70 2.71 24.03 30.13
CA ALA B 70 3.78 23.04 30.11
C ALA B 70 4.25 22.80 28.67
N GLY B 71 5.56 22.76 28.49
CA GLY B 71 6.15 22.44 27.20
C GLY B 71 7.42 21.64 27.38
N LEU B 72 7.87 21.04 26.29
CA LEU B 72 9.06 20.20 26.28
C LEU B 72 10.16 20.68 25.35
N ALA B 73 9.81 21.24 24.19
CA ALA B 73 10.80 21.55 23.17
C ALA B 73 10.40 22.82 22.42
N ARG B 74 11.41 23.60 22.05
CA ARG B 74 11.21 24.81 21.26
C ARG B 74 12.20 24.81 20.11
N TYR B 75 11.70 25.03 18.89
CA TYR B 75 12.59 25.02 17.73
C TYR B 75 12.50 26.36 16.99
N PRO B 76 13.63 26.89 16.51
CA PRO B 76 13.60 28.24 15.93
C PRO B 76 12.83 28.34 14.63
N GLN B 77 12.98 27.37 13.74
CA GLN B 77 12.41 27.50 12.40
C GLN B 77 10.90 27.35 12.44
N PRO B 78 10.17 28.15 11.64
CA PRO B 78 8.70 28.03 11.56
C PRO B 78 8.26 26.94 10.59
N MET B 79 8.66 25.71 10.87
CA MET B 79 8.38 24.56 10.03
C MET B 79 7.63 23.52 10.85
N ALA B 80 7.27 22.42 10.18
CA ALA B 80 6.76 21.27 10.89
C ALA B 80 7.78 20.81 11.92
N PRO B 81 7.34 20.33 13.09
CA PRO B 81 8.29 19.94 14.14
C PRO B 81 9.44 19.05 13.67
N ALA B 82 9.14 18.02 12.88
CA ALA B 82 10.19 17.14 12.38
C ALA B 82 11.17 17.88 11.48
N ALA B 83 10.69 18.84 10.69
CA ALA B 83 11.59 19.61 9.84
C ALA B 83 12.37 20.63 10.64
N ALA B 84 11.72 21.29 11.60
CA ALA B 84 12.41 22.23 12.47
C ALA B 84 13.47 21.52 13.30
N ALA B 85 13.17 20.31 13.78
CA ALA B 85 14.15 19.52 14.52
C ALA B 85 15.35 19.17 13.66
N GLU B 86 15.09 18.75 12.41
CA GLU B 86 16.19 18.34 11.53
C GLU B 86 17.06 19.53 11.15
N HIS B 87 16.44 20.69 10.89
CA HIS B 87 17.23 21.87 10.57
C HIS B 87 18.10 22.30 11.73
N ALA B 88 17.66 22.05 12.96
CA ALA B 88 18.45 22.35 14.14
C ALA B 88 19.43 21.24 14.52
N GLY B 89 19.31 20.08 13.90
CA GLY B 89 20.20 18.98 14.22
C GLY B 89 19.96 18.34 15.56
N MET B 90 18.72 18.38 16.06
CA MET B 90 18.36 17.78 17.34
C MET B 90 17.02 17.08 17.22
N ALA B 91 16.92 15.89 17.79
CA ALA B 91 15.71 15.08 17.66
C ALA B 91 14.52 15.75 18.33
N LEU B 92 13.33 15.29 17.94
CA LEU B 92 12.11 15.63 18.65
C LEU B 92 12.12 14.97 20.02
N PRO B 93 11.27 15.40 20.94
CA PRO B 93 11.17 14.72 22.24
C PRO B 93 10.69 13.28 22.05
N ALA B 94 10.85 12.49 23.10
CA ALA B 94 10.41 11.11 23.05
C ALA B 94 8.89 11.03 23.27
N ARG B 95 8.28 9.95 22.77
CA ARG B 95 6.86 9.74 22.99
C ARG B 95 6.54 9.69 24.47
N ASP B 96 7.37 8.99 25.25
CA ASP B 96 7.18 8.92 26.69
C ASP B 96 7.16 10.30 27.32
N GLN B 97 8.08 11.18 26.89
CA GLN B 97 8.14 12.53 27.43
C GLN B 97 6.80 13.25 27.32
N ILE B 98 6.16 13.13 26.15
CA ILE B 98 4.92 13.87 25.89
C ILE B 98 3.77 13.26 26.68
N VAL B 99 3.61 11.94 26.58
CA VAL B 99 2.48 11.28 27.24
C VAL B 99 2.55 11.45 28.75
N ARG B 100 3.75 11.32 29.33
CA ARG B 100 3.87 11.40 30.79
C ARG B 100 3.69 12.83 31.28
N LEU B 101 4.20 13.81 30.53
CA LEU B 101 3.97 15.21 30.87
C LEU B 101 2.47 15.51 30.92
N ILE B 102 1.73 15.01 29.95
CA ILE B 102 0.28 15.24 29.92
C ILE B 102 -0.40 14.54 31.09
N ALA B 103 0.01 13.29 31.37
CA ALA B 103 -0.62 12.54 32.46
C ALA B 103 -0.29 13.15 33.81
N ASP B 104 0.91 13.70 33.98
CA ASP B 104 1.26 14.38 35.23
C ASP B 104 0.50 15.69 35.40
N LEU B 105 0.20 16.38 34.29
CA LEU B 105 -0.64 17.58 34.36
C LEU B 105 -2.04 17.24 34.82
N ASP B 106 -2.57 16.11 34.36
CA ASP B 106 -3.96 15.75 34.58
C ASP B 106 -4.23 15.51 36.06
N ARG B 107 -5.32 16.10 36.57
CA ARG B 107 -5.76 15.89 37.93
C ARG B 107 -7.25 16.10 38.00
N PRO B 108 -7.93 15.50 38.98
CA PRO B 108 -9.38 15.69 39.10
C PRO B 108 -9.75 17.16 39.26
N GLY B 109 -10.91 17.52 38.72
CA GLY B 109 -11.38 18.89 38.73
C GLY B 109 -10.70 19.79 37.72
N ARG B 110 -9.79 19.27 36.89
CA ARG B 110 -8.98 20.08 36.01
C ARG B 110 -9.26 19.73 34.56
N LEU B 111 -9.36 20.76 33.72
CA LEU B 111 -9.38 20.60 32.27
C LEU B 111 -7.97 20.81 31.74
N THR B 112 -7.40 19.77 31.16
CA THR B 112 -6.05 19.82 30.61
C THR B 112 -6.15 19.80 29.08
N LEU B 113 -5.80 20.91 28.45
CA LEU B 113 -5.84 21.04 27.01
C LEU B 113 -4.45 20.81 26.43
N VAL B 114 -4.36 19.99 25.39
CA VAL B 114 -3.11 19.68 24.71
C VAL B 114 -3.18 20.29 23.32
N GLU B 115 -2.34 21.28 23.05
CA GLU B 115 -2.32 21.93 21.75
C GLU B 115 -1.26 21.27 20.86
N GLY B 116 -1.70 20.74 19.73
CA GLY B 116 -0.78 20.18 18.76
C GLY B 116 -0.16 21.24 17.88
N ALA B 117 0.70 20.80 16.99
CA ALA B 117 1.34 21.66 15.99
C ALA B 117 0.80 21.27 14.62
N GLY B 118 0.25 22.26 13.91
CA GLY B 118 -0.38 21.94 12.64
C GLY B 118 -1.56 21.01 12.85
N GLY B 119 -1.73 20.07 11.92
CA GLY B 119 -2.87 19.18 11.92
C GLY B 119 -2.64 17.91 12.72
N LEU B 120 -3.62 17.01 12.61
CA LEU B 120 -3.69 15.86 13.51
C LEU B 120 -2.55 14.88 13.29
N LEU B 121 -2.19 14.63 12.03
CA LEU B 121 -1.21 13.60 11.72
C LEU B 121 0.21 14.13 11.65
N VAL B 122 0.46 15.32 12.20
CA VAL B 122 1.82 15.87 12.23
C VAL B 122 2.66 15.09 13.23
N GLU B 123 3.87 14.73 12.83
CA GLU B 123 4.79 14.03 13.71
C GLU B 123 5.23 14.95 14.85
N LEU B 124 5.02 14.51 16.09
CA LEU B 124 5.44 15.26 17.26
C LEU B 124 6.57 14.60 18.02
N ALA B 125 6.79 13.31 17.84
CA ALA B 125 7.83 12.57 18.54
C ALA B 125 8.27 11.41 17.67
N GLU B 126 9.42 10.89 17.97
CA GLU B 126 9.92 9.78 17.17
C GLU B 126 9.48 8.45 17.75
N PRO B 127 9.26 7.43 16.92
CA PRO B 127 9.34 7.52 15.45
C PRO B 127 7.97 7.61 14.78
N GLY B 128 7.60 8.81 14.36
CA GLY B 128 6.33 9.01 13.70
C GLY B 128 5.13 9.08 14.64
N VAL B 129 5.33 9.57 15.86
CA VAL B 129 4.25 9.68 16.82
C VAL B 129 3.51 10.99 16.59
N THR B 130 2.18 10.91 16.51
CA THR B 130 1.34 12.08 16.26
C THR B 130 0.48 12.37 17.46
N LEU B 131 -0.21 13.52 17.41
CA LEU B 131 -1.14 13.88 18.47
C LEU B 131 -2.28 12.87 18.58
N ARG B 132 -2.60 12.18 17.47
CA ARG B 132 -3.58 11.11 17.53
C ARG B 132 -3.09 9.96 18.39
N ASP B 133 -1.82 9.56 18.22
CA ASP B 133 -1.23 8.53 19.08
C ASP B 133 -1.29 8.98 20.54
N VAL B 134 -0.88 10.23 20.80
CA VAL B 134 -0.90 10.77 22.16
C VAL B 134 -2.30 10.72 22.74
N ALA B 135 -3.31 11.08 21.93
CA ALA B 135 -4.70 11.08 22.42
C ALA B 135 -5.13 9.69 22.84
N VAL B 136 -4.78 8.68 22.04
CA VAL B 136 -5.07 7.29 22.42
C VAL B 136 -4.39 6.94 23.74
N ASP B 137 -3.12 7.35 23.90
CA ASP B 137 -2.35 6.93 25.05
C ASP B 137 -2.90 7.52 26.35
N VAL B 138 -3.32 8.79 26.31
CA VAL B 138 -3.84 9.46 27.50
C VAL B 138 -5.36 9.40 27.58
N ALA B 139 -6.02 8.72 26.65
CA ALA B 139 -7.48 8.57 26.65
C ALA B 139 -8.17 9.94 26.56
N ALA B 140 -7.68 10.79 25.67
CA ALA B 140 -8.24 12.13 25.51
C ALA B 140 -9.17 12.16 24.32
N ALA B 141 -10.22 12.97 24.43
CA ALA B 141 -11.02 13.31 23.27
C ALA B 141 -10.35 14.44 22.50
N ALA B 142 -10.86 14.72 21.31
CA ALA B 142 -10.23 15.67 20.40
C ALA B 142 -11.21 16.76 20.02
N LEU B 143 -10.84 18.00 20.30
CA LEU B 143 -11.54 19.17 19.76
C LEU B 143 -10.81 19.60 18.49
N VAL B 144 -11.57 19.76 17.41
CA VAL B 144 -11.00 20.02 16.09
C VAL B 144 -11.28 21.47 15.72
N VAL B 145 -10.21 22.24 15.53
CA VAL B 145 -10.32 23.62 15.08
C VAL B 145 -10.36 23.63 13.55
N VAL B 146 -11.37 24.31 13.00
CA VAL B 146 -11.58 24.36 11.56
C VAL B 146 -11.69 25.81 11.13
N THR B 147 -11.50 26.03 9.83
CA THR B 147 -11.72 27.35 9.27
C THR B 147 -13.12 27.43 8.68
N ALA B 148 -13.51 28.64 8.30
CA ALA B 148 -14.76 28.86 7.58
C ALA B 148 -14.54 29.01 6.08
N ASP B 149 -13.32 28.80 5.61
CA ASP B 149 -12.95 29.10 4.25
C ASP B 149 -13.22 27.93 3.31
N LEU B 150 -13.09 28.19 2.01
CA LEU B 150 -13.25 27.18 0.98
C LEU B 150 -12.34 25.98 1.25
N GLY B 151 -12.94 24.79 1.21
CA GLY B 151 -12.20 23.56 1.41
C GLY B 151 -12.23 23.01 2.82
N THR B 152 -12.93 23.67 3.74
CA THR B 152 -12.89 23.24 5.14
C THR B 152 -13.69 21.98 5.37
N LEU B 153 -14.73 21.73 4.56
CA LEU B 153 -15.55 20.54 4.77
C LEU B 153 -14.77 19.28 4.47
N ASN B 154 -13.95 19.29 3.42
CA ASN B 154 -13.11 18.14 3.10
C ASN B 154 -12.07 17.90 4.20
N HIS B 155 -11.38 18.95 4.62
CA HIS B 155 -10.35 18.80 5.64
C HIS B 155 -10.95 18.38 6.98
N THR B 156 -12.15 18.87 7.29
CA THR B 156 -12.83 18.44 8.52
C THR B 156 -13.17 16.96 8.46
N LYS B 157 -13.77 16.53 7.35
CA LYS B 157 -14.17 15.12 7.22
C LYS B 157 -12.95 14.21 7.27
N LEU B 158 -11.86 14.60 6.60
CA LEU B 158 -10.63 13.81 6.66
C LEU B 158 -10.13 13.68 8.09
N THR B 159 -10.17 14.78 8.85
CA THR B 159 -9.65 14.77 10.22
C THR B 159 -10.52 13.93 11.13
N LEU B 160 -11.85 14.04 11.01
CA LEU B 160 -12.74 13.26 11.85
C LEU B 160 -12.64 11.78 11.56
N GLU B 161 -12.46 11.40 10.28
CA GLU B 161 -12.28 10.00 9.95
C GLU B 161 -10.98 9.46 10.55
N ALA B 162 -9.91 10.26 10.53
CA ALA B 162 -8.65 9.82 11.14
C ALA B 162 -8.79 9.65 12.65
N LEU B 163 -9.59 10.48 13.30
CA LEU B 163 -9.87 10.29 14.73
C LEU B 163 -10.63 8.99 14.95
N ALA B 164 -11.70 8.77 14.19
CA ALA B 164 -12.51 7.57 14.35
C ALA B 164 -11.72 6.31 14.02
N ALA B 165 -10.74 6.42 13.12
CA ALA B 165 -9.97 5.25 12.72
C ALA B 165 -9.15 4.69 13.88
N GLN B 166 -8.79 5.54 14.85
CA GLN B 166 -8.11 5.10 16.06
C GLN B 166 -8.99 5.27 17.29
N GLN B 167 -10.31 5.35 17.09
CA GLN B 167 -11.29 5.36 18.18
C GLN B 167 -11.03 6.51 19.16
N VAL B 168 -10.59 7.65 18.62
CA VAL B 168 -10.47 8.87 19.40
C VAL B 168 -11.77 9.65 19.28
N SER B 169 -12.43 9.87 20.41
CA SER B 169 -13.68 10.61 20.41
C SER B 169 -13.47 12.04 19.93
N CYS B 170 -14.48 12.57 19.26
CA CYS B 170 -14.47 13.96 18.82
C CYS B 170 -15.36 14.78 19.75
N ALA B 171 -14.76 15.74 20.46
CA ALA B 171 -15.50 16.61 21.37
C ALA B 171 -16.25 17.70 20.64
N GLY B 172 -16.04 17.87 19.34
CA GLY B 172 -16.74 18.86 18.55
C GLY B 172 -15.79 19.66 17.69
N LEU B 173 -16.35 20.64 16.99
CA LEU B 173 -15.58 21.55 16.16
C LEU B 173 -15.64 22.96 16.74
N VAL B 174 -14.63 23.75 16.41
CA VAL B 174 -14.62 25.18 16.67
C VAL B 174 -14.08 25.87 15.42
N ILE B 175 -14.85 26.82 14.89
CA ILE B 175 -14.35 27.69 13.83
C ILE B 175 -13.39 28.70 14.45
N GLY B 176 -12.13 28.65 14.02
CA GLY B 176 -11.09 29.44 14.68
C GLY B 176 -11.20 30.93 14.40
N SER B 177 -11.78 31.30 13.25
CA SER B 177 -11.93 32.71 12.89
C SER B 177 -13.18 32.85 12.05
N TRP B 178 -14.19 33.52 12.60
CA TRP B 178 -15.43 33.78 11.88
C TRP B 178 -15.36 35.15 11.25
N PRO B 179 -15.46 35.27 9.93
CA PRO B 179 -15.25 36.57 9.29
C PRO B 179 -16.42 37.52 9.48
N ASP B 180 -16.13 38.80 9.26
CA ASP B 180 -17.14 39.86 9.30
C ASP B 180 -16.90 40.87 8.19
N PRO B 181 -17.82 41.00 7.22
CA PRO B 181 -19.04 40.20 7.09
C PRO B 181 -18.73 38.78 6.64
N PRO B 182 -19.59 37.81 6.97
CA PRO B 182 -19.27 36.40 6.72
C PRO B 182 -18.97 36.11 5.25
N GLY B 183 -19.95 36.35 4.39
CA GLY B 183 -19.85 35.99 2.99
C GLY B 183 -20.59 34.70 2.69
N LEU B 184 -20.75 34.43 1.39
CA LEU B 184 -21.55 33.29 0.96
C LEU B 184 -20.90 31.97 1.33
N VAL B 185 -19.59 31.82 1.05
CA VAL B 185 -18.92 30.56 1.32
C VAL B 185 -18.84 30.29 2.81
N ALA B 186 -18.50 31.32 3.59
CA ALA B 186 -18.38 31.16 5.03
C ALA B 186 -19.72 30.74 5.65
N ALA B 187 -20.81 31.38 5.22
CA ALA B 187 -22.12 31.06 5.78
C ALA B 187 -22.55 29.65 5.39
N SER B 188 -22.33 29.27 4.13
CA SER B 188 -22.64 27.91 3.71
C SER B 188 -21.82 26.89 4.48
N ASN B 189 -20.55 27.21 4.73
CA ASN B 189 -19.68 26.24 5.41
C ASN B 189 -20.10 26.02 6.86
N ARG B 190 -20.47 27.10 7.57
CA ARG B 190 -20.88 26.95 8.95
C ARG B 190 -22.11 26.06 9.07
N SER B 191 -23.07 26.22 8.16
N SER B 191 -23.07 26.22 8.15
CA SER B 191 -24.26 25.37 8.17
CA SER B 191 -24.26 25.38 8.19
C SER B 191 -23.91 23.93 7.89
C SER B 191 -23.92 23.92 7.87
N ALA B 192 -22.99 23.70 6.94
CA ALA B 192 -22.61 22.34 6.59
C ALA B 192 -21.73 21.71 7.67
N LEU B 193 -20.85 22.50 8.29
CA LEU B 193 -20.00 21.98 9.36
C LEU B 193 -20.84 21.41 10.50
N ALA B 194 -21.95 22.08 10.85
CA ALA B 194 -22.83 21.59 11.90
C ALA B 194 -23.54 20.30 11.50
N ARG B 195 -23.67 20.03 10.20
CA ARG B 195 -24.19 18.75 9.75
C ARG B 195 -23.15 17.63 9.87
N ILE B 196 -21.88 17.99 9.99
CA ILE B 196 -20.81 17.01 10.13
C ILE B 196 -20.56 16.67 11.59
N ALA B 197 -20.41 17.68 12.43
CA ALA B 197 -20.16 17.49 13.86
C ALA B 197 -20.70 18.69 14.62
N MET B 198 -20.65 18.59 15.95
CA MET B 198 -21.15 19.66 16.79
C MET B 198 -20.21 20.85 16.76
N VAL B 199 -20.73 22.02 16.40
CA VAL B 199 -19.96 23.26 16.38
C VAL B 199 -20.10 23.91 17.75
N ARG B 200 -19.03 23.85 18.54
CA ARG B 200 -19.06 24.35 19.91
C ARG B 200 -18.92 25.87 20.00
N ALA B 201 -18.28 26.49 19.01
CA ALA B 201 -18.10 27.94 19.02
C ALA B 201 -17.56 28.38 17.66
N ALA B 202 -17.74 29.66 17.38
CA ALA B 202 -17.10 30.33 16.24
C ALA B 202 -16.53 31.64 16.74
N LEU B 203 -15.22 31.69 16.89
CA LEU B 203 -14.59 32.87 17.46
C LEU B 203 -14.54 33.99 16.43
N PRO B 204 -14.92 35.21 16.80
CA PRO B 204 -14.87 36.32 15.84
C PRO B 204 -13.45 36.56 15.34
N ALA B 205 -13.35 36.92 14.06
CA ALA B 205 -12.05 37.28 13.48
C ALA B 205 -11.42 38.43 14.26
N GLY B 206 -10.13 38.32 14.52
CA GLY B 206 -9.40 39.31 15.28
C GLY B 206 -9.41 39.09 16.79
N ALA B 207 -9.93 37.96 17.27
CA ALA B 207 -10.06 37.76 18.70
C ALA B 207 -8.71 37.59 19.38
N ALA B 208 -7.69 37.16 18.63
CA ALA B 208 -6.37 36.97 19.20
C ALA B 208 -5.71 38.27 19.62
N SER B 209 -6.20 39.42 19.14
CA SER B 209 -5.62 40.71 19.45
C SER B 209 -6.26 41.38 20.67
N LEU B 210 -7.25 40.75 21.29
CA LEU B 210 -7.95 41.36 22.41
C LEU B 210 -7.07 41.39 23.66
N ASP B 211 -7.32 42.39 24.52
CA ASP B 211 -6.72 42.33 25.83
C ASP B 211 -7.44 41.28 26.67
N ALA B 212 -6.87 40.98 27.84
CA ALA B 212 -7.36 39.86 28.63
C ALA B 212 -8.83 40.03 29.01
N GLY B 213 -9.24 41.26 29.37
CA GLY B 213 -10.62 41.48 29.76
C GLY B 213 -11.59 41.32 28.61
N ASP B 214 -11.24 41.83 27.44
CA ASP B 214 -12.11 41.68 26.26
C ASP B 214 -12.16 40.23 25.81
N PHE B 215 -11.02 39.54 25.84
CA PHE B 215 -10.99 38.14 25.40
C PHE B 215 -11.83 37.26 26.30
N ALA B 216 -11.90 37.60 27.60
CA ALA B 216 -12.68 36.81 28.53
C ALA B 216 -14.18 36.99 28.30
N ALA B 217 -14.61 38.22 28.00
CA ALA B 217 -16.01 38.45 27.65
C ALA B 217 -16.37 37.71 26.37
N MET B 218 -15.49 37.77 25.37
CA MET B 218 -15.72 37.06 24.12
C MET B 218 -15.81 35.56 24.35
N SER B 219 -14.86 35.01 25.12
CA SER B 219 -14.84 33.57 25.36
C SER B 219 -16.08 33.11 26.10
N ALA B 220 -16.55 33.90 27.07
CA ALA B 220 -17.71 33.48 27.85
C ALA B 220 -18.96 33.41 26.99
N ALA B 221 -19.06 34.30 25.99
CA ALA B 221 -20.22 34.28 25.11
C ALA B 221 -20.08 33.25 24.00
N ALA B 222 -18.84 32.89 23.63
CA ALA B 222 -18.64 32.05 22.44
C ALA B 222 -19.01 30.59 22.69
N PHE B 223 -18.83 30.09 23.91
CA PHE B 223 -19.10 28.71 24.23
C PHE B 223 -20.39 28.58 25.04
N ASP B 224 -21.07 27.46 24.86
CA ASP B 224 -22.24 27.15 25.67
C ASP B 224 -21.79 26.81 27.09
N ARG B 225 -22.35 27.53 28.08
CA ARG B 225 -21.90 27.37 29.45
C ARG B 225 -22.13 25.95 29.96
N ASN B 226 -23.26 25.34 29.60
CA ASN B 226 -23.55 23.99 30.05
C ASN B 226 -22.57 22.97 29.46
N TRP B 227 -22.14 23.19 28.21
CA TRP B 227 -21.14 22.30 27.62
C TRP B 227 -19.79 22.48 28.30
N VAL B 228 -19.41 23.71 28.61
CA VAL B 228 -18.12 23.96 29.24
C VAL B 228 -18.06 23.32 30.61
N ALA B 229 -19.04 23.64 31.46
CA ALA B 229 -19.07 23.07 32.81
C ALA B 229 -19.17 21.56 32.77
N GLY B 230 -19.84 21.00 31.75
CA GLY B 230 -19.96 19.56 31.63
C GLY B 230 -18.69 18.86 31.21
N LEU B 231 -17.62 19.60 30.90
CA LEU B 231 -16.38 18.97 30.48
C LEU B 231 -15.66 18.29 31.64
N VAL B 232 -15.87 18.76 32.86
CA VAL B 232 -15.21 18.17 34.02
C VAL B 232 -16.23 17.60 34.99
N HIS C 6 22.69 9.84 -4.62
CA HIS C 6 22.78 10.22 -3.21
C HIS C 6 23.25 9.06 -2.36
N GLY C 7 24.04 9.37 -1.34
CA GLY C 7 24.47 8.39 -0.37
C GLY C 7 25.29 7.28 -0.98
N GLY C 8 25.16 6.09 -0.39
CA GLY C 8 25.90 4.94 -0.84
C GLY C 8 25.06 3.90 -1.56
N THR C 9 25.22 2.64 -1.19
CA THR C 9 24.54 1.52 -1.84
C THR C 9 23.54 0.91 -0.87
N ILE C 10 22.26 0.97 -1.21
CA ILE C 10 21.21 0.25 -0.51
C ILE C 10 20.86 -0.99 -1.30
N LEU C 11 20.77 -2.13 -0.62
CA LEU C 11 20.49 -3.42 -1.26
C LEU C 11 19.46 -4.13 -0.40
N VAL C 12 18.27 -4.36 -0.94
CA VAL C 12 17.28 -5.16 -0.23
C VAL C 12 17.60 -6.63 -0.46
N VAL C 13 17.57 -7.40 0.61
CA VAL C 13 17.78 -8.84 0.55
C VAL C 13 16.44 -9.49 0.77
N THR C 14 15.86 -10.03 -0.30
CA THR C 14 14.58 -10.70 -0.27
C THR C 14 14.77 -12.19 -0.53
N GLY C 15 13.67 -12.91 -0.61
CA GLY C 15 13.73 -14.34 -0.90
C GLY C 15 12.52 -14.78 -1.70
N THR C 16 12.61 -16.02 -2.19
CA THR C 16 11.47 -16.63 -2.86
C THR C 16 10.35 -16.98 -1.89
N GLY C 17 10.61 -16.92 -0.59
CA GLY C 17 9.60 -17.19 0.42
C GLY C 17 10.16 -17.11 1.82
N THR C 18 9.64 -17.96 2.70
CA THR C 18 10.05 -17.96 4.10
C THR C 18 11.05 -19.08 4.36
N GLY C 19 11.94 -18.83 5.32
CA GLY C 19 12.94 -19.82 5.71
C GLY C 19 13.84 -20.26 4.58
N VAL C 20 14.25 -19.33 3.71
CA VAL C 20 15.08 -19.67 2.56
C VAL C 20 16.54 -19.31 2.77
N GLY C 21 16.89 -18.63 3.85
CA GLY C 21 18.25 -18.26 4.15
C GLY C 21 18.57 -16.79 4.08
N LYS C 22 17.55 -15.92 4.09
CA LYS C 22 17.76 -14.48 3.98
C LYS C 22 18.75 -13.99 5.02
N THR C 23 18.55 -14.38 6.28
CA THR C 23 19.39 -13.88 7.36
C THR C 23 20.84 -14.31 7.19
N VAL C 24 21.06 -15.59 6.88
CA VAL C 24 22.42 -16.10 6.73
C VAL C 24 23.09 -15.46 5.52
N VAL C 25 22.34 -15.24 4.45
CA VAL C 25 22.90 -14.57 3.27
C VAL C 25 23.28 -13.13 3.61
N CYS C 26 22.42 -12.43 4.35
CA CYS C 26 22.75 -11.08 4.81
C CYS C 26 24.05 -11.09 5.59
N ALA C 27 24.19 -12.03 6.54
CA ALA C 27 25.42 -12.15 7.31
C ALA C 27 26.61 -12.48 6.41
N ALA C 28 26.42 -13.40 5.46
CA ALA C 28 27.52 -13.78 4.57
C ALA C 28 27.98 -12.60 3.72
N LEU C 29 27.03 -11.89 3.11
CA LEU C 29 27.40 -10.74 2.29
C LEU C 29 28.03 -9.64 3.14
N ALA C 30 27.48 -9.39 4.34
CA ALA C 30 28.04 -8.37 5.21
C ALA C 30 29.47 -8.72 5.62
N SER C 31 29.71 -9.98 5.96
CA SER C 31 31.06 -10.41 6.32
C SER C 31 32.01 -10.30 5.14
N ALA C 32 31.53 -10.66 3.94
CA ALA C 32 32.37 -10.53 2.74
C ALA C 32 32.70 -9.08 2.46
N ALA C 33 31.73 -8.18 2.66
CA ALA C 33 31.96 -6.76 2.42
C ALA C 33 32.82 -6.13 3.50
N ARG C 34 32.63 -6.53 4.76
CA ARG C 34 33.47 -5.99 5.83
C ARG C 34 34.91 -6.45 5.69
N GLN C 35 35.13 -7.64 5.11
CA GLN C 35 36.48 -8.10 4.81
C GLN C 35 37.07 -7.41 3.58
N ALA C 36 36.23 -6.89 2.70
CA ALA C 36 36.72 -6.08 1.58
C ALA C 36 36.98 -4.63 1.98
N GLY C 37 36.79 -4.30 3.26
CA GLY C 37 37.01 -2.95 3.75
C GLY C 37 35.79 -2.06 3.73
N ILE C 38 34.64 -2.57 3.28
CA ILE C 38 33.45 -1.75 3.13
C ILE C 38 32.79 -1.52 4.49
N ASP C 39 32.26 -0.32 4.70
CA ASP C 39 31.40 -0.05 5.84
C ASP C 39 30.02 -0.64 5.55
N VAL C 40 29.56 -1.54 6.42
CA VAL C 40 28.33 -2.28 6.21
C VAL C 40 27.37 -1.98 7.35
N ALA C 41 26.10 -1.72 7.00
CA ALA C 41 25.01 -1.65 7.95
C ALA C 41 23.92 -2.60 7.50
N VAL C 42 23.22 -3.19 8.46
CA VAL C 42 22.13 -4.12 8.17
C VAL C 42 20.88 -3.62 8.88
N CYS C 43 19.78 -3.53 8.13
CA CYS C 43 18.51 -3.03 8.64
C CYS C 43 17.45 -4.11 8.52
N LYS C 44 16.64 -4.27 9.57
CA LYS C 44 15.54 -5.23 9.61
C LYS C 44 14.30 -4.46 10.01
N PRO C 45 13.56 -3.91 9.05
CA PRO C 45 12.41 -3.05 9.40
C PRO C 45 11.31 -3.78 10.16
N VAL C 46 11.01 -5.04 9.83
CA VAL C 46 9.94 -5.80 10.48
C VAL C 46 10.49 -7.15 10.91
N GLN C 47 10.41 -7.44 12.20
CA GLN C 47 10.88 -8.71 12.77
C GLN C 47 9.72 -9.38 13.49
N THR C 48 9.35 -10.56 13.04
CA THR C 48 8.37 -11.40 13.73
C THR C 48 9.08 -12.56 14.41
N GLY C 49 8.31 -13.35 15.15
CA GLY C 49 8.84 -14.57 15.71
C GLY C 49 9.73 -14.42 16.92
N THR C 50 9.68 -13.28 17.62
CA THR C 50 10.50 -13.13 18.82
C THR C 50 10.08 -14.13 19.90
N ALA C 51 8.80 -14.54 19.89
CA ALA C 51 8.35 -15.58 20.81
C ALA C 51 9.04 -16.92 20.56
N ARG C 52 9.56 -17.12 19.35
CA ARG C 52 10.35 -18.31 19.03
C ARG C 52 11.83 -18.11 19.30
N GLY C 53 12.25 -16.90 19.68
CA GLY C 53 13.65 -16.59 19.87
C GLY C 53 14.30 -15.89 18.71
N ASP C 54 13.57 -15.65 17.63
CA ASP C 54 14.16 -15.06 16.43
C ASP C 54 14.65 -13.64 16.70
N ASP C 55 15.86 -13.35 16.23
CA ASP C 55 16.37 -11.98 16.16
C ASP C 55 17.43 -11.98 15.06
N ASP C 56 16.99 -11.62 13.84
CA ASP C 56 17.87 -11.72 12.68
C ASP C 56 19.04 -10.75 12.79
N LEU C 57 18.79 -9.54 13.31
CA LEU C 57 19.87 -8.57 13.49
C LEU C 57 20.92 -9.10 14.45
N ALA C 58 20.48 -9.66 15.59
CA ALA C 58 21.43 -10.27 16.53
C ALA C 58 22.18 -11.41 15.88
N GLU C 59 21.50 -12.22 15.08
CA GLU C 59 22.17 -13.33 14.39
C GLU C 59 23.20 -12.82 13.40
N VAL C 60 22.88 -11.74 12.67
CA VAL C 60 23.84 -11.17 11.72
C VAL C 60 25.04 -10.60 12.47
N GLY C 61 24.80 -9.89 13.57
CA GLY C 61 25.90 -9.36 14.36
C GLY C 61 26.76 -10.46 14.95
N ARG C 62 26.12 -11.53 15.44
N ARG C 62 26.12 -11.53 15.43
CA ARG C 62 26.88 -12.63 16.02
CA ARG C 62 26.85 -12.65 16.02
C ARG C 62 27.70 -13.37 14.96
C ARG C 62 27.67 -13.41 14.98
N LEU C 63 27.11 -13.58 13.78
CA LEU C 63 27.79 -14.34 12.73
C LEU C 63 28.84 -13.51 12.00
N ALA C 64 28.48 -12.30 11.58
CA ALA C 64 29.34 -11.49 10.72
C ALA C 64 30.10 -10.40 11.44
N GLY C 65 29.72 -10.04 12.67
CA GLY C 65 30.41 -8.99 13.39
C GLY C 65 29.92 -7.59 13.09
N VAL C 66 28.78 -7.44 12.44
CA VAL C 66 28.25 -6.11 12.16
C VAL C 66 27.72 -5.49 13.44
N THR C 67 28.12 -4.26 13.72
CA THR C 67 27.62 -3.52 14.87
C THR C 67 26.57 -2.49 14.50
N GLN C 68 26.54 -2.06 13.24
CA GLN C 68 25.56 -1.08 12.78
C GLN C 68 24.30 -1.83 12.36
N LEU C 69 23.43 -2.07 13.35
CA LEU C 69 22.20 -2.83 13.16
C LEU C 69 21.02 -1.93 13.55
N ALA C 70 20.00 -1.90 12.70
CA ALA C 70 18.87 -1.00 12.89
C ALA C 70 17.57 -1.76 12.70
N GLY C 71 16.75 -1.81 13.76
CA GLY C 71 15.42 -2.38 13.70
C GLY C 71 14.34 -1.31 13.83
N LEU C 72 13.10 -1.78 13.79
CA LEU C 72 11.95 -0.90 13.90
C LEU C 72 10.76 -1.62 14.53
N ALA C 73 10.08 -2.47 13.76
CA ALA C 73 8.91 -3.19 14.22
C ALA C 73 9.32 -4.59 14.68
N ARG C 74 8.79 -5.01 15.82
CA ARG C 74 9.08 -6.32 16.39
C ARG C 74 7.78 -6.92 16.93
N TYR C 75 7.48 -8.14 16.53
CA TYR C 75 6.25 -8.81 16.92
C TYR C 75 6.55 -10.23 17.40
N PRO C 76 5.77 -10.73 18.36
CA PRO C 76 6.09 -12.03 18.97
C PRO C 76 5.88 -13.24 18.06
N GLN C 77 4.71 -13.36 17.47
CA GLN C 77 4.37 -14.66 16.88
C GLN C 77 5.06 -14.86 15.53
N PRO C 78 5.59 -16.07 15.27
CA PRO C 78 6.29 -16.32 14.00
C PRO C 78 5.33 -16.44 12.82
N MET C 79 4.68 -15.34 12.47
CA MET C 79 3.73 -15.32 11.37
C MET C 79 4.13 -14.24 10.38
N ALA C 80 3.32 -14.10 9.32
CA ALA C 80 3.48 -12.96 8.44
C ALA C 80 3.32 -11.68 9.24
N PRO C 81 4.07 -10.62 8.92
CA PRO C 81 4.03 -9.40 9.75
C PRO C 81 2.62 -8.89 10.06
N ALA C 82 1.74 -8.84 9.06
CA ALA C 82 0.37 -8.38 9.28
C ALA C 82 -0.34 -9.27 10.29
N ALA C 83 -0.17 -10.59 10.16
CA ALA C 83 -0.83 -11.50 11.10
C ALA C 83 -0.19 -11.44 12.49
N ALA C 84 1.14 -11.27 12.54
CA ALA C 84 1.82 -11.14 13.82
C ALA C 84 1.43 -9.84 14.52
N ALA C 85 1.32 -8.74 13.78
CA ALA C 85 0.89 -7.48 14.37
C ALA C 85 -0.54 -7.57 14.86
N GLU C 86 -1.42 -8.21 14.09
CA GLU C 86 -2.80 -8.37 14.50
C GLU C 86 -2.91 -9.21 15.76
N HIS C 87 -2.15 -10.31 15.83
CA HIS C 87 -2.19 -11.18 16.99
C HIS C 87 -1.72 -10.45 18.24
N ALA C 88 -0.72 -9.59 18.10
CA ALA C 88 -0.21 -8.81 19.23
C ALA C 88 -1.04 -7.56 19.51
N GLY C 89 -2.14 -7.35 18.79
CA GLY C 89 -2.93 -6.15 18.98
C GLY C 89 -2.19 -4.88 18.61
N MET C 90 -1.24 -4.97 17.69
CA MET C 90 -0.41 -3.84 17.28
C MET C 90 -0.65 -3.52 15.82
N ALA C 91 0.00 -2.46 15.36
CA ALA C 91 -0.08 -2.02 13.98
C ALA C 91 1.25 -2.25 13.27
N LEU C 92 1.17 -2.45 11.96
CA LEU C 92 2.37 -2.44 11.13
C LEU C 92 2.99 -1.04 11.17
N PRO C 93 4.29 -0.93 10.91
CA PRO C 93 4.91 0.39 10.83
C PRO C 93 4.39 1.16 9.62
N ALA C 94 4.64 2.46 9.64
CA ALA C 94 4.25 3.30 8.51
C ALA C 94 5.31 3.23 7.42
N ARG C 95 4.88 3.50 6.18
CA ARG C 95 5.79 3.46 5.05
C ARG C 95 6.99 4.38 5.27
N ASP C 96 6.71 5.64 5.64
CA ASP C 96 7.79 6.61 5.77
C ASP C 96 8.74 6.26 6.90
N GLN C 97 8.26 5.56 7.95
CA GLN C 97 9.16 5.15 9.02
C GLN C 97 10.14 4.08 8.55
N ILE C 98 9.69 3.17 7.68
CA ILE C 98 10.61 2.21 7.07
C ILE C 98 11.62 2.92 6.19
N VAL C 99 11.13 3.83 5.33
CA VAL C 99 12.02 4.55 4.43
C VAL C 99 12.97 5.46 5.22
N ARG C 100 12.46 6.15 6.24
CA ARG C 100 13.30 7.04 7.04
C ARG C 100 14.35 6.25 7.82
N LEU C 101 13.99 5.05 8.29
CA LEU C 101 14.97 4.20 8.95
C LEU C 101 16.09 3.81 8.00
N ILE C 102 15.74 3.53 6.74
CA ILE C 102 16.76 3.17 5.75
C ILE C 102 17.55 4.41 5.34
N ALA C 103 16.85 5.54 5.16
CA ALA C 103 17.52 6.77 4.72
C ALA C 103 18.58 7.21 5.73
N ASP C 104 18.27 7.13 7.02
CA ASP C 104 19.23 7.52 8.05
C ASP C 104 20.47 6.65 8.01
N LEU C 105 20.32 5.36 7.69
CA LEU C 105 21.47 4.46 7.63
C LEU C 105 22.33 4.74 6.41
N ASP C 106 21.71 5.10 5.29
CA ASP C 106 22.44 5.27 4.04
C ASP C 106 23.46 6.40 4.15
N ARG C 107 24.73 6.06 3.96
CA ARG C 107 25.82 7.02 3.89
C ARG C 107 26.63 6.77 2.64
N PRO C 108 27.31 7.78 2.11
CA PRO C 108 28.25 7.54 1.02
C PRO C 108 29.31 6.55 1.43
N GLY C 109 29.62 5.62 0.52
CA GLY C 109 30.59 4.57 0.79
C GLY C 109 30.12 3.46 1.68
N ARG C 110 28.85 3.46 2.09
CA ARG C 110 28.31 2.42 2.96
C ARG C 110 27.43 1.47 2.16
N LEU C 111 27.56 0.18 2.46
CA LEU C 111 26.64 -0.83 1.96
C LEU C 111 25.58 -1.08 3.04
N THR C 112 24.33 -0.73 2.74
CA THR C 112 23.23 -0.92 3.67
C THR C 112 22.35 -2.06 3.15
N LEU C 113 22.37 -3.18 3.86
CA LEU C 113 21.52 -4.32 3.53
C LEU C 113 20.18 -4.19 4.26
N VAL C 114 19.09 -4.33 3.51
CA VAL C 114 17.74 -4.26 4.06
C VAL C 114 17.13 -5.65 3.92
N GLU C 115 17.02 -6.37 5.04
CA GLU C 115 16.51 -7.73 5.02
C GLU C 115 14.99 -7.70 5.19
N GLY C 116 14.29 -8.33 4.26
CA GLY C 116 12.85 -8.40 4.34
C GLY C 116 12.37 -9.53 5.23
N ALA C 117 11.05 -9.60 5.38
CA ALA C 117 10.39 -10.67 6.10
C ALA C 117 9.67 -11.55 5.08
N GLY C 118 10.08 -12.80 4.97
CA GLY C 118 9.48 -13.70 4.00
C GLY C 118 9.82 -13.30 2.57
N GLY C 119 8.82 -13.36 1.69
CA GLY C 119 9.02 -13.12 0.29
C GLY C 119 8.82 -11.67 -0.11
N LEU C 120 8.94 -11.43 -1.42
CA LEU C 120 9.05 -10.08 -1.94
C LEU C 120 7.75 -9.29 -1.74
N LEU C 121 6.60 -9.94 -1.94
CA LEU C 121 5.33 -9.23 -1.91
C LEU C 121 4.64 -9.30 -0.55
N VAL C 122 5.39 -9.65 0.50
CA VAL C 122 4.85 -9.65 1.86
C VAL C 122 4.60 -8.21 2.29
N GLU C 123 3.44 -7.96 2.87
CA GLU C 123 3.12 -6.64 3.38
C GLU C 123 3.97 -6.34 4.61
N LEU C 124 4.75 -5.26 4.53
CA LEU C 124 5.57 -4.79 5.64
C LEU C 124 5.03 -3.53 6.29
N ALA C 125 4.31 -2.70 5.55
CA ALA C 125 3.70 -1.49 6.06
C ALA C 125 2.32 -1.32 5.44
N GLU C 126 1.44 -0.63 6.16
CA GLU C 126 0.12 -0.37 5.63
C GLU C 126 0.17 0.79 4.63
N PRO C 127 -0.61 0.74 3.54
CA PRO C 127 -1.46 -0.38 3.13
C PRO C 127 -0.85 -1.21 2.00
N GLY C 128 -0.55 -2.48 2.30
CA GLY C 128 0.03 -3.35 1.29
C GLY C 128 1.37 -2.90 0.76
N VAL C 129 2.12 -2.14 1.54
CA VAL C 129 3.45 -1.72 1.15
C VAL C 129 4.41 -2.88 1.35
N THR C 130 5.18 -3.20 0.31
CA THR C 130 6.05 -4.37 0.30
C THR C 130 7.50 -3.93 0.18
N LEU C 131 8.40 -4.92 0.27
CA LEU C 131 9.82 -4.66 0.10
C LEU C 131 10.12 -4.18 -1.32
N ARG C 132 9.32 -4.61 -2.30
CA ARG C 132 9.47 -4.10 -3.66
C ARG C 132 9.21 -2.59 -3.71
N ASP C 133 8.12 -2.14 -3.06
CA ASP C 133 7.83 -0.70 -3.00
C ASP C 133 8.97 0.05 -2.34
N VAL C 134 9.53 -0.51 -1.26
CA VAL C 134 10.62 0.15 -0.55
C VAL C 134 11.84 0.27 -1.44
N ALA C 135 12.17 -0.79 -2.18
CA ALA C 135 13.35 -0.77 -3.05
C ALA C 135 13.23 0.30 -4.11
N VAL C 136 12.02 0.52 -4.65
CA VAL C 136 11.82 1.61 -5.60
C VAL C 136 12.00 2.95 -4.91
N ASP C 137 11.45 3.09 -3.69
CA ASP C 137 11.48 4.38 -3.01
C ASP C 137 12.90 4.80 -2.66
N VAL C 138 13.80 3.85 -2.41
CA VAL C 138 15.17 4.15 -2.03
C VAL C 138 16.15 3.82 -3.14
N ALA C 139 15.66 3.46 -4.32
CA ALA C 139 16.50 3.14 -5.47
C ALA C 139 17.48 2.02 -5.14
N ALA C 140 16.98 0.97 -4.51
CA ALA C 140 17.79 -0.17 -4.13
C ALA C 140 17.57 -1.31 -5.12
N ALA C 141 18.65 -2.01 -5.46
CA ALA C 141 18.53 -3.26 -6.18
C ALA C 141 18.08 -4.36 -5.22
N ALA C 142 17.85 -5.55 -5.75
CA ALA C 142 17.31 -6.64 -4.97
C ALA C 142 18.17 -7.88 -5.13
N LEU C 143 18.70 -8.37 -4.01
CA LEU C 143 19.35 -9.67 -3.96
C LEU C 143 18.32 -10.72 -3.55
N VAL C 144 18.14 -11.74 -4.38
CA VAL C 144 17.07 -12.72 -4.22
C VAL C 144 17.68 -14.01 -3.69
N VAL C 145 17.33 -14.37 -2.46
CA VAL C 145 17.74 -15.62 -1.86
C VAL C 145 16.78 -16.71 -2.31
N VAL C 146 17.32 -17.84 -2.75
CA VAL C 146 16.54 -18.95 -3.27
C VAL C 146 17.02 -20.25 -2.63
N THR C 147 16.19 -21.28 -2.73
CA THR C 147 16.56 -22.61 -2.29
C THR C 147 17.01 -23.45 -3.48
N ALA C 148 17.54 -24.63 -3.18
CA ALA C 148 17.89 -25.63 -4.18
C ALA C 148 16.85 -26.74 -4.27
N ASP C 149 15.73 -26.58 -3.57
CA ASP C 149 14.72 -27.62 -3.45
C ASP C 149 13.74 -27.57 -4.62
N LEU C 150 12.99 -28.67 -4.78
CA LEU C 150 11.91 -28.76 -5.75
C LEU C 150 11.02 -27.52 -5.71
N GLY C 151 10.73 -26.96 -6.88
CA GLY C 151 9.88 -25.81 -7.00
C GLY C 151 10.58 -24.47 -6.97
N THR C 152 11.90 -24.45 -6.80
CA THR C 152 12.60 -23.17 -6.66
C THR C 152 12.63 -22.39 -7.97
N LEU C 153 12.68 -23.07 -9.11
CA LEU C 153 12.77 -22.36 -10.39
C LEU C 153 11.51 -21.55 -10.65
N ASN C 154 10.35 -22.07 -10.28
CA ASN C 154 9.09 -21.34 -10.47
C ASN C 154 9.03 -20.11 -9.57
N HIS C 155 9.34 -20.29 -8.28
CA HIS C 155 9.30 -19.18 -7.35
C HIS C 155 10.34 -18.12 -7.71
N THR C 156 11.52 -18.55 -8.16
CA THR C 156 12.54 -17.59 -8.58
C THR C 156 12.08 -16.77 -9.78
N LYS C 157 11.49 -17.44 -10.78
CA LYS C 157 11.01 -16.73 -11.95
C LYS C 157 9.89 -15.77 -11.60
N LEU C 158 8.96 -16.20 -10.75
CA LEU C 158 7.88 -15.31 -10.29
C LEU C 158 8.44 -14.09 -9.58
N THR C 159 9.50 -14.29 -8.78
CA THR C 159 10.06 -13.18 -8.02
C THR C 159 10.78 -12.19 -8.93
N LEU C 160 11.54 -12.69 -9.90
CA LEU C 160 12.29 -11.80 -10.79
C LEU C 160 11.35 -11.05 -11.71
N GLU C 161 10.27 -11.71 -12.16
CA GLU C 161 9.28 -11.02 -12.96
C GLU C 161 8.59 -9.92 -12.16
N ALA C 162 8.34 -10.18 -10.87
CA ALA C 162 7.74 -9.16 -10.02
C ALA C 162 8.68 -7.98 -9.82
N LEU C 163 9.99 -8.26 -9.72
CA LEU C 163 10.98 -7.19 -9.64
C LEU C 163 11.05 -6.38 -10.92
N ALA C 164 11.13 -7.07 -12.06
CA ALA C 164 11.23 -6.35 -13.34
C ALA C 164 9.97 -5.54 -13.63
N ALA C 165 8.84 -5.92 -13.04
CA ALA C 165 7.59 -5.21 -13.33
C ALA C 165 7.61 -3.80 -12.76
N GLN C 166 8.42 -3.55 -11.74
CA GLN C 166 8.55 -2.23 -11.14
C GLN C 166 9.94 -1.63 -11.34
N GLN C 167 10.68 -2.13 -12.33
CA GLN C 167 12.04 -1.65 -12.66
C GLN C 167 12.98 -1.74 -11.45
N VAL C 168 12.80 -2.76 -10.62
CA VAL C 168 13.74 -3.03 -9.52
C VAL C 168 14.81 -3.96 -10.07
N SER C 169 16.04 -3.45 -10.19
CA SER C 169 17.13 -4.25 -10.72
C SER C 169 17.41 -5.45 -9.81
N CYS C 170 17.73 -6.58 -10.41
CA CYS C 170 18.08 -7.79 -9.67
C CYS C 170 19.59 -7.83 -9.49
N ALA C 171 20.05 -7.73 -8.25
CA ALA C 171 21.48 -7.80 -7.97
C ALA C 171 22.02 -9.21 -8.10
N GLY C 172 21.17 -10.21 -8.28
CA GLY C 172 21.58 -11.59 -8.44
C GLY C 172 20.86 -12.50 -7.48
N LEU C 173 21.15 -13.79 -7.62
CA LEU C 173 20.60 -14.81 -6.77
C LEU C 173 21.66 -15.33 -5.81
N VAL C 174 21.21 -15.81 -4.66
CA VAL C 174 22.05 -16.53 -3.71
C VAL C 174 21.29 -17.76 -3.25
N ILE C 175 21.90 -18.92 -3.41
CA ILE C 175 21.36 -20.15 -2.83
C ILE C 175 21.63 -20.12 -1.33
N GLY C 176 20.56 -20.11 -0.54
CA GLY C 176 20.70 -19.95 0.90
C GLY C 176 21.33 -21.15 1.58
N SER C 177 21.09 -22.35 1.06
CA SER C 177 21.64 -23.57 1.64
C SER C 177 21.95 -24.54 0.51
N TRP C 178 23.23 -24.86 0.33
CA TRP C 178 23.67 -25.75 -0.73
C TRP C 178 24.10 -27.07 -0.12
N PRO C 179 23.47 -28.19 -0.48
CA PRO C 179 23.82 -29.47 0.13
C PRO C 179 25.11 -30.05 -0.44
N ASP C 180 25.76 -30.86 0.37
CA ASP C 180 26.97 -31.55 -0.05
C ASP C 180 26.96 -32.97 0.51
N PRO C 181 26.81 -34.00 -0.33
CA PRO C 181 26.68 -33.87 -1.79
C PRO C 181 25.28 -33.47 -2.24
N PRO C 182 25.20 -32.76 -3.38
CA PRO C 182 23.88 -32.39 -3.92
C PRO C 182 23.26 -33.49 -4.75
N GLY C 183 22.01 -33.83 -4.46
CA GLY C 183 21.28 -34.81 -5.23
C GLY C 183 20.97 -34.33 -6.64
N LEU C 184 20.22 -35.15 -7.36
CA LEU C 184 19.89 -34.84 -8.76
C LEU C 184 19.10 -33.54 -8.86
N VAL C 185 18.10 -33.36 -7.99
CA VAL C 185 17.25 -32.17 -8.07
C VAL C 185 18.05 -30.91 -7.77
N ALA C 186 18.83 -30.94 -6.68
CA ALA C 186 19.62 -29.77 -6.29
C ALA C 186 20.63 -29.40 -7.38
N ALA C 187 21.28 -30.41 -7.97
CA ALA C 187 22.24 -30.13 -9.02
C ALA C 187 21.56 -29.56 -10.27
N SER C 188 20.42 -30.12 -10.64
CA SER C 188 19.67 -29.60 -11.78
C SER C 188 19.21 -28.17 -11.52
N ASN C 189 18.70 -27.90 -10.34
CA ASN C 189 18.18 -26.57 -10.03
C ASN C 189 19.29 -25.52 -10.10
N ARG C 190 20.48 -25.84 -9.60
CA ARG C 190 21.57 -24.86 -9.60
C ARG C 190 21.97 -24.48 -11.02
N SER C 191 22.02 -25.46 -11.92
CA SER C 191 22.33 -25.15 -13.31
C SER C 191 21.27 -24.24 -13.92
N ALA C 192 19.99 -24.58 -13.74
CA ALA C 192 18.91 -23.78 -14.30
C ALA C 192 18.84 -22.40 -13.66
N LEU C 193 19.16 -22.28 -12.38
CA LEU C 193 19.14 -20.98 -11.72
C LEU C 193 20.13 -20.02 -12.34
N ALA C 194 21.37 -20.49 -12.57
CA ALA C 194 22.37 -19.64 -13.21
C ALA C 194 21.94 -19.21 -14.60
N ARG C 195 21.13 -20.03 -15.28
CA ARG C 195 20.58 -19.64 -16.57
C ARG C 195 19.48 -18.60 -16.44
N ILE C 196 18.89 -18.46 -15.24
CA ILE C 196 17.87 -17.44 -15.02
C ILE C 196 18.50 -16.11 -14.65
N ALA C 197 19.50 -16.12 -13.78
CA ALA C 197 20.18 -14.91 -13.34
C ALA C 197 21.54 -15.28 -12.77
N MET C 198 22.33 -14.26 -12.46
CA MET C 198 23.64 -14.48 -11.88
C MET C 198 23.51 -15.05 -10.48
N VAL C 199 24.12 -16.21 -10.26
CA VAL C 199 24.20 -16.82 -8.93
C VAL C 199 25.49 -16.31 -8.28
N ARG C 200 25.35 -15.38 -7.34
CA ARG C 200 26.51 -14.77 -6.72
C ARG C 200 27.20 -15.70 -5.72
N ALA C 201 26.42 -16.57 -5.06
CA ALA C 201 26.99 -17.46 -4.08
C ALA C 201 26.01 -18.60 -3.80
N ALA C 202 26.56 -19.71 -3.31
CA ALA C 202 25.77 -20.84 -2.84
C ALA C 202 26.33 -21.21 -1.46
N LEU C 203 25.70 -20.72 -0.41
CA LEU C 203 26.20 -20.92 0.94
C LEU C 203 26.10 -22.39 1.32
N PRO C 204 27.18 -22.99 1.83
CA PRO C 204 27.10 -24.39 2.26
C PRO C 204 26.04 -24.58 3.34
N ALA C 205 25.39 -25.75 3.30
CA ALA C 205 24.42 -26.07 4.35
C ALA C 205 25.12 -26.16 5.69
N GLY C 206 24.47 -25.62 6.72
CA GLY C 206 25.07 -25.52 8.03
C GLY C 206 25.88 -24.28 8.27
N ALA C 207 25.79 -23.28 7.39
CA ALA C 207 26.62 -22.08 7.52
C ALA C 207 26.24 -21.27 8.75
N ALA C 208 24.95 -21.23 9.08
CA ALA C 208 24.47 -20.44 10.21
C ALA C 208 24.97 -20.94 11.56
N SER C 209 25.54 -22.14 11.62
CA SER C 209 26.07 -22.69 12.87
C SER C 209 27.57 -22.54 12.99
N LEU C 210 28.22 -21.87 12.04
CA LEU C 210 29.66 -21.67 12.11
C LEU C 210 30.02 -20.59 13.12
N ASP C 211 31.23 -20.67 13.66
CA ASP C 211 31.72 -19.59 14.48
C ASP C 211 32.12 -18.40 13.61
N ALA C 212 32.42 -17.28 14.27
CA ALA C 212 32.77 -16.06 13.55
C ALA C 212 33.95 -16.27 12.62
N GLY C 213 34.95 -17.05 13.07
CA GLY C 213 36.13 -17.32 12.27
C GLY C 213 35.83 -18.08 11.00
N ASP C 214 35.22 -19.26 11.12
CA ASP C 214 34.91 -20.05 9.93
C ASP C 214 33.88 -19.36 9.05
N PHE C 215 32.93 -18.65 9.66
CA PHE C 215 31.91 -17.96 8.86
C PHE C 215 32.54 -16.88 7.98
N ALA C 216 33.52 -16.15 8.52
CA ALA C 216 34.22 -15.16 7.70
C ALA C 216 34.95 -15.83 6.55
N ALA C 217 35.61 -16.97 6.82
CA ALA C 217 36.33 -17.66 5.76
C ALA C 217 35.38 -18.22 4.72
N MET C 218 34.23 -18.75 5.15
CA MET C 218 33.22 -19.22 4.20
C MET C 218 32.67 -18.07 3.37
N SER C 219 32.36 -16.94 4.03
CA SER C 219 31.78 -15.82 3.32
C SER C 219 32.73 -15.25 2.27
N ALA C 220 34.00 -15.10 2.62
CA ALA C 220 34.97 -14.59 1.66
C ALA C 220 35.12 -15.53 0.48
N ALA C 221 35.02 -16.84 0.71
CA ALA C 221 35.10 -17.80 -0.38
C ALA C 221 33.79 -17.90 -1.15
N ALA C 222 32.67 -17.61 -0.49
CA ALA C 222 31.36 -17.76 -1.13
C ALA C 222 31.17 -16.76 -2.27
N PHE C 223 31.50 -15.49 -2.03
CA PHE C 223 31.26 -14.43 -3.01
C PHE C 223 32.53 -14.08 -3.77
N ASP C 224 32.35 -13.56 -4.97
CA ASP C 224 33.46 -12.99 -5.74
C ASP C 224 33.86 -11.66 -5.11
N ARG C 225 35.17 -11.49 -4.86
CA ARG C 225 35.63 -10.31 -4.15
C ARG C 225 35.39 -9.04 -4.95
N ASN C 226 35.56 -9.09 -6.27
CA ASN C 226 35.35 -7.91 -7.10
C ASN C 226 33.90 -7.44 -7.04
N TRP C 227 32.95 -8.36 -7.23
CA TRP C 227 31.55 -7.99 -7.21
C TRP C 227 31.14 -7.40 -5.87
N VAL C 228 31.74 -7.89 -4.78
CA VAL C 228 31.36 -7.41 -3.45
C VAL C 228 31.90 -6.00 -3.21
N ALA C 229 33.21 -5.84 -3.34
CA ALA C 229 33.81 -4.53 -3.13
C ALA C 229 33.38 -3.51 -4.19
N GLY C 230 32.85 -4.00 -5.32
CA GLY C 230 32.33 -3.12 -6.35
C GLY C 230 30.86 -2.82 -6.18
N LEU C 231 30.33 -3.03 -4.96
CA LEU C 231 28.95 -2.66 -4.69
C LEU C 231 28.82 -1.20 -4.31
N VAL C 232 29.87 -0.60 -3.75
CA VAL C 232 29.87 0.82 -3.43
C VAL C 232 30.86 1.55 -4.33
N GLY D 7 -17.44 -22.59 -28.58
CA GLY D 7 -17.12 -23.88 -27.99
C GLY D 7 -17.51 -23.99 -26.54
N GLY D 8 -16.69 -24.68 -25.75
CA GLY D 8 -16.93 -24.83 -24.33
C GLY D 8 -16.05 -23.91 -23.50
N THR D 9 -15.85 -24.30 -22.25
CA THR D 9 -15.02 -23.55 -21.32
C THR D 9 -13.74 -24.32 -21.05
N ILE D 10 -12.60 -23.68 -21.29
CA ILE D 10 -11.30 -24.21 -20.92
C ILE D 10 -10.84 -23.47 -19.67
N LEU D 11 -10.36 -24.22 -18.68
CA LEU D 11 -9.89 -23.68 -17.41
C LEU D 11 -8.59 -24.36 -17.06
N VAL D 12 -7.49 -23.61 -17.05
CA VAL D 12 -6.23 -24.16 -16.58
C VAL D 12 -6.24 -24.16 -15.07
N VAL D 13 -5.74 -25.24 -14.48
CA VAL D 13 -5.64 -25.38 -13.04
C VAL D 13 -4.15 -25.38 -12.70
N THR D 14 -3.65 -24.24 -12.25
CA THR D 14 -2.26 -24.08 -11.85
C THR D 14 -2.18 -24.06 -10.33
N GLY D 15 -0.96 -23.87 -9.81
CA GLY D 15 -0.77 -23.80 -8.37
C GLY D 15 0.30 -22.78 -8.03
N THR D 16 0.42 -22.52 -6.73
CA THR D 16 1.52 -21.69 -6.22
C THR D 16 2.85 -22.42 -6.26
N GLY D 17 2.84 -23.74 -6.45
CA GLY D 17 4.07 -24.51 -6.48
C GLY D 17 3.79 -25.97 -6.65
N THR D 18 4.74 -26.80 -6.22
CA THR D 18 4.61 -28.24 -6.32
C THR D 18 4.00 -28.82 -5.05
N GLY D 19 3.18 -29.85 -5.23
CA GLY D 19 2.54 -30.53 -4.11
C GLY D 19 1.56 -29.67 -3.33
N VAL D 20 0.73 -28.89 -4.02
CA VAL D 20 -0.21 -28.00 -3.35
C VAL D 20 -1.65 -28.48 -3.46
N GLY D 21 -1.91 -29.57 -4.18
CA GLY D 21 -3.23 -30.10 -4.36
C GLY D 21 -3.87 -29.88 -5.72
N LYS D 22 -3.07 -29.66 -6.77
CA LYS D 22 -3.66 -29.38 -8.08
C LYS D 22 -4.50 -30.54 -8.57
N THR D 23 -4.04 -31.77 -8.36
CA THR D 23 -4.76 -32.93 -8.87
C THR D 23 -6.08 -33.13 -8.14
N VAL D 24 -6.06 -33.05 -6.80
CA VAL D 24 -7.29 -33.29 -6.05
C VAL D 24 -8.30 -32.18 -6.31
N VAL D 25 -7.84 -30.96 -6.59
CA VAL D 25 -8.77 -29.88 -6.93
C VAL D 25 -9.37 -30.12 -8.31
N CYS D 26 -8.55 -30.61 -9.25
CA CYS D 26 -9.09 -30.98 -10.56
C CYS D 26 -10.17 -32.05 -10.42
N ALA D 27 -9.92 -33.09 -9.62
CA ALA D 27 -10.92 -34.13 -9.41
C ALA D 27 -12.15 -33.58 -8.71
N ALA D 28 -11.96 -32.71 -7.72
CA ALA D 28 -13.09 -32.16 -6.99
C ALA D 28 -13.95 -31.27 -7.88
N LEU D 29 -13.31 -30.39 -8.67
CA LEU D 29 -14.06 -29.57 -9.59
C LEU D 29 -14.71 -30.40 -10.68
N ALA D 30 -14.03 -31.45 -11.15
CA ALA D 30 -14.61 -32.35 -12.13
C ALA D 30 -15.86 -33.02 -11.57
N SER D 31 -15.77 -33.54 -10.34
CA SER D 31 -16.92 -34.17 -9.69
C SER D 31 -18.05 -33.17 -9.52
N ALA D 32 -17.72 -31.96 -9.04
CA ALA D 32 -18.74 -30.93 -8.84
C ALA D 32 -19.41 -30.57 -10.16
N ALA D 33 -18.62 -30.40 -11.23
CA ALA D 33 -19.19 -30.05 -12.52
C ALA D 33 -20.01 -31.19 -13.10
N ARG D 34 -19.54 -32.43 -12.96
CA ARG D 34 -20.32 -33.57 -13.42
C ARG D 34 -21.65 -33.68 -12.70
N GLN D 35 -21.64 -33.50 -11.38
CA GLN D 35 -22.88 -33.57 -10.61
C GLN D 35 -23.84 -32.45 -10.99
N ALA D 36 -23.36 -31.38 -11.60
CA ALA D 36 -24.20 -30.31 -12.11
C ALA D 36 -24.63 -30.54 -13.55
N GLY D 37 -24.42 -31.74 -14.08
CA GLY D 37 -24.82 -32.05 -15.44
C GLY D 37 -23.87 -31.58 -16.51
N ILE D 38 -22.64 -31.22 -16.16
CA ILE D 38 -21.67 -30.71 -17.12
C ILE D 38 -20.76 -31.86 -17.54
N ASP D 39 -20.54 -31.99 -18.85
CA ASP D 39 -19.53 -32.92 -19.33
C ASP D 39 -18.15 -32.36 -19.04
N VAL D 40 -17.24 -33.23 -18.62
CA VAL D 40 -15.94 -32.81 -18.10
C VAL D 40 -14.85 -33.61 -18.78
N ALA D 41 -13.81 -32.92 -19.23
CA ALA D 41 -12.55 -33.52 -19.65
C ALA D 41 -11.43 -32.90 -18.86
N VAL D 42 -10.35 -33.66 -18.66
CA VAL D 42 -9.17 -33.18 -17.94
C VAL D 42 -7.95 -33.51 -18.79
N CYS D 43 -7.11 -32.51 -19.04
CA CYS D 43 -5.90 -32.67 -19.82
C CYS D 43 -4.68 -32.47 -18.93
N LYS D 44 -3.80 -33.46 -18.92
CA LYS D 44 -2.51 -33.39 -18.22
C LYS D 44 -1.43 -33.57 -19.28
N PRO D 45 -0.99 -32.50 -19.92
CA PRO D 45 -0.08 -32.67 -21.06
C PRO D 45 1.25 -33.31 -20.70
N VAL D 46 1.84 -32.94 -19.56
CA VAL D 46 3.12 -33.50 -19.13
C VAL D 46 2.95 -34.10 -17.75
N GLN D 47 3.35 -35.36 -17.60
CA GLN D 47 3.34 -36.06 -16.33
C GLN D 47 4.77 -36.49 -16.01
N THR D 48 5.23 -36.20 -14.80
CA THR D 48 6.53 -36.67 -14.33
C THR D 48 6.34 -37.61 -13.15
N GLY D 49 7.44 -38.20 -12.70
CA GLY D 49 7.39 -39.08 -11.55
C GLY D 49 6.69 -40.41 -11.77
N THR D 50 6.64 -40.90 -13.01
CA THR D 50 5.96 -42.16 -13.28
C THR D 50 6.70 -43.36 -12.70
N ALA D 51 8.01 -43.23 -12.45
CA ALA D 51 8.77 -44.34 -11.90
C ALA D 51 8.23 -44.79 -10.55
N ARG D 52 7.71 -43.86 -9.75
CA ARG D 52 7.13 -44.18 -8.46
C ARG D 52 5.62 -44.34 -8.51
N GLY D 53 5.02 -44.23 -9.69
CA GLY D 53 3.61 -44.48 -9.86
C GLY D 53 2.72 -43.27 -9.97
N ASP D 54 3.27 -42.07 -10.17
CA ASP D 54 2.45 -40.88 -10.30
C ASP D 54 1.61 -40.95 -11.57
N ASP D 55 0.31 -40.70 -11.43
CA ASP D 55 -0.60 -40.72 -12.58
C ASP D 55 -1.80 -39.85 -12.19
N ASP D 56 -1.66 -38.54 -12.41
CA ASP D 56 -2.69 -37.60 -11.99
C ASP D 56 -4.02 -37.86 -12.70
N LEU D 57 -3.97 -38.20 -13.98
CA LEU D 57 -5.20 -38.49 -14.71
C LEU D 57 -5.92 -39.71 -14.13
N ALA D 58 -5.16 -40.71 -13.67
CA ALA D 58 -5.78 -41.88 -13.06
C ALA D 58 -6.46 -41.53 -11.75
N GLU D 59 -5.83 -40.67 -10.94
CA GLU D 59 -6.46 -40.21 -9.71
C GLU D 59 -7.74 -39.44 -10.00
N VAL D 60 -7.73 -38.61 -11.05
CA VAL D 60 -8.94 -37.89 -11.44
C VAL D 60 -10.01 -38.88 -11.93
N GLY D 61 -9.61 -39.85 -12.74
CA GLY D 61 -10.54 -40.88 -13.17
C GLY D 61 -11.08 -41.69 -12.00
N ARG D 62 -10.22 -42.01 -11.04
CA ARG D 62 -10.65 -42.79 -9.88
C ARG D 62 -11.62 -41.99 -9.01
N LEU D 63 -11.26 -40.74 -8.70
CA LEU D 63 -12.05 -39.95 -7.76
C LEU D 63 -13.30 -39.36 -8.41
N ALA D 64 -13.18 -38.85 -9.63
CA ALA D 64 -14.26 -38.08 -10.25
C ALA D 64 -14.99 -38.82 -11.36
N GLY D 65 -14.47 -39.95 -11.83
CA GLY D 65 -15.16 -40.68 -12.88
C GLY D 65 -15.04 -40.08 -14.25
N VAL D 66 -14.15 -39.11 -14.45
CA VAL D 66 -13.91 -38.57 -15.78
C VAL D 66 -13.25 -39.64 -16.64
N THR D 67 -13.71 -39.76 -17.88
CA THR D 67 -13.11 -40.68 -18.83
C THR D 67 -12.31 -39.99 -19.92
N GLN D 68 -12.67 -38.77 -20.29
CA GLN D 68 -11.89 -38.00 -21.25
C GLN D 68 -10.67 -37.44 -20.53
N LEU D 69 -9.63 -38.25 -20.44
CA LEU D 69 -8.38 -37.90 -19.77
C LEU D 69 -7.27 -37.95 -20.81
N ALA D 70 -6.70 -36.80 -21.15
CA ALA D 70 -5.76 -36.69 -22.25
C ALA D 70 -4.39 -36.24 -21.74
N GLY D 71 -3.35 -36.82 -22.32
CA GLY D 71 -1.98 -36.45 -22.00
C GLY D 71 -1.08 -36.68 -23.18
N LEU D 72 0.11 -36.06 -23.13
CA LEU D 72 1.07 -36.09 -24.23
C LEU D 72 2.38 -36.77 -23.89
N ALA D 73 2.89 -36.60 -22.68
CA ALA D 73 4.21 -37.13 -22.34
C ALA D 73 4.23 -37.60 -20.90
N ARG D 74 5.11 -38.58 -20.63
CA ARG D 74 5.29 -39.13 -19.29
C ARG D 74 6.77 -39.35 -19.05
N TYR D 75 7.27 -38.83 -17.93
CA TYR D 75 8.68 -38.96 -17.60
C TYR D 75 8.87 -39.64 -16.25
N PRO D 76 9.85 -40.55 -16.14
CA PRO D 76 9.94 -41.35 -14.90
C PRO D 76 10.42 -40.57 -13.68
N GLN D 77 11.39 -39.69 -13.83
CA GLN D 77 11.96 -39.04 -12.65
C GLN D 77 10.97 -38.03 -12.07
N PRO D 78 10.85 -37.96 -10.73
CA PRO D 78 9.97 -36.97 -10.07
C PRO D 78 10.63 -35.60 -9.98
N MET D 79 10.78 -34.96 -11.14
CA MET D 79 11.43 -33.66 -11.22
C MET D 79 10.55 -32.72 -12.04
N ALA D 80 11.02 -31.48 -12.19
CA ALA D 80 10.37 -30.54 -13.10
C ALA D 80 10.38 -31.14 -14.49
N PRO D 81 9.37 -30.88 -15.32
CA PRO D 81 9.33 -31.50 -16.65
C PRO D 81 10.61 -31.36 -17.45
N ALA D 82 11.20 -30.16 -17.49
CA ALA D 82 12.44 -29.97 -18.23
C ALA D 82 13.56 -30.85 -17.69
N ALA D 83 13.68 -30.94 -16.35
CA ALA D 83 14.74 -31.75 -15.77
C ALA D 83 14.44 -33.24 -15.91
N ALA D 84 13.16 -33.62 -15.81
CA ALA D 84 12.78 -35.01 -16.04
C ALA D 84 13.08 -35.42 -17.48
N ALA D 85 12.84 -34.52 -18.44
CA ALA D 85 13.11 -34.82 -19.84
C ALA D 85 14.61 -34.92 -20.09
N GLU D 86 15.38 -33.95 -19.58
CA GLU D 86 16.83 -33.95 -19.75
C GLU D 86 17.46 -35.19 -19.14
N HIS D 87 16.91 -35.67 -18.02
CA HIS D 87 17.46 -36.88 -17.40
C HIS D 87 17.21 -38.10 -18.28
N ALA D 88 16.04 -38.17 -18.92
CA ALA D 88 15.71 -39.27 -19.81
C ALA D 88 16.37 -39.16 -21.17
N GLY D 89 17.17 -38.12 -21.41
CA GLY D 89 17.78 -37.94 -22.71
C GLY D 89 16.78 -37.63 -23.82
N MET D 90 15.62 -37.11 -23.47
CA MET D 90 14.57 -36.79 -24.43
C MET D 90 14.05 -35.39 -24.18
N ALA D 91 13.25 -34.91 -25.11
CA ALA D 91 12.76 -33.54 -25.07
C ALA D 91 11.32 -33.47 -24.59
N LEU D 92 10.92 -32.28 -24.14
CA LEU D 92 9.52 -32.03 -23.86
C LEU D 92 8.73 -32.04 -25.15
N PRO D 93 7.41 -32.18 -25.08
CA PRO D 93 6.59 -32.03 -26.30
C PRO D 93 6.64 -30.59 -26.81
N ALA D 94 6.20 -30.42 -28.05
CA ALA D 94 6.21 -29.10 -28.67
C ALA D 94 5.00 -28.29 -28.22
N ARG D 95 5.12 -26.96 -28.36
CA ARG D 95 4.03 -26.09 -27.94
C ARG D 95 2.77 -26.38 -28.73
N ASP D 96 2.89 -26.60 -30.04
CA ASP D 96 1.71 -26.84 -30.86
C ASP D 96 0.96 -28.08 -30.41
N GLN D 97 1.67 -29.12 -29.97
CA GLN D 97 1.02 -30.32 -29.47
C GLN D 97 0.09 -30.00 -28.32
N ILE D 98 0.57 -29.21 -27.35
CA ILE D 98 -0.19 -28.94 -26.14
C ILE D 98 -1.45 -28.14 -26.47
N VAL D 99 -1.29 -27.04 -27.20
N VAL D 99 -1.28 -27.05 -27.22
CA VAL D 99 -2.43 -26.17 -27.46
CA VAL D 99 -2.38 -26.14 -27.49
C VAL D 99 -3.44 -26.86 -28.38
C VAL D 99 -3.42 -26.80 -28.41
N ARG D 100 -2.96 -27.61 -29.36
CA ARG D 100 -3.88 -28.28 -30.28
C ARG D 100 -4.67 -29.38 -29.56
N LEU D 101 -4.00 -30.11 -28.67
CA LEU D 101 -4.69 -31.15 -27.90
C LEU D 101 -5.81 -30.55 -27.06
N ILE D 102 -5.52 -29.44 -26.37
CA ILE D 102 -6.53 -28.79 -25.54
C ILE D 102 -7.66 -28.26 -26.41
N ALA D 103 -7.31 -27.59 -27.51
CA ALA D 103 -8.32 -27.04 -28.41
C ALA D 103 -9.22 -28.14 -28.98
N ASP D 104 -8.66 -29.32 -29.25
CA ASP D 104 -9.46 -30.41 -29.78
C ASP D 104 -10.32 -31.04 -28.70
N LEU D 105 -9.88 -30.99 -27.44
CA LEU D 105 -10.73 -31.47 -26.35
C LEU D 105 -11.93 -30.57 -26.14
N ASP D 106 -11.76 -29.27 -26.35
CA ASP D 106 -12.81 -28.30 -26.08
C ASP D 106 -14.00 -28.51 -27.01
N ARG D 107 -15.20 -28.54 -26.45
CA ARG D 107 -16.43 -28.66 -27.21
C ARG D 107 -17.55 -27.99 -26.41
N PRO D 108 -18.60 -27.52 -27.09
CA PRO D 108 -19.70 -26.86 -26.38
C PRO D 108 -20.30 -27.74 -25.30
N GLY D 109 -20.62 -27.13 -24.16
CA GLY D 109 -21.19 -27.84 -23.03
C GLY D 109 -20.19 -28.60 -22.19
N ARG D 110 -18.90 -28.52 -22.51
CA ARG D 110 -17.86 -29.27 -21.82
C ARG D 110 -16.94 -28.32 -21.06
N LEU D 111 -16.68 -28.64 -19.79
CA LEU D 111 -15.63 -27.98 -19.03
C LEU D 111 -14.35 -28.79 -19.21
N THR D 112 -13.36 -28.21 -19.87
CA THR D 112 -12.05 -28.83 -20.05
C THR D 112 -11.08 -28.23 -19.05
N LEU D 113 -10.57 -29.05 -18.14
CA LEU D 113 -9.56 -28.63 -17.18
C LEU D 113 -8.19 -29.03 -17.68
N VAL D 114 -7.23 -28.11 -17.57
CA VAL D 114 -5.85 -28.34 -17.98
C VAL D 114 -4.99 -28.24 -16.72
N GLU D 115 -4.46 -29.37 -16.26
CA GLU D 115 -3.62 -29.38 -15.07
C GLU D 115 -2.16 -29.24 -15.48
N GLY D 116 -1.47 -28.29 -14.85
CA GLY D 116 -0.05 -28.12 -15.07
C GLY D 116 0.79 -28.99 -14.16
N ALA D 117 2.10 -28.81 -14.26
CA ALA D 117 3.06 -29.47 -13.39
C ALA D 117 3.73 -28.40 -12.55
N GLY D 118 3.61 -28.52 -11.23
CA GLY D 118 4.16 -27.48 -10.36
C GLY D 118 3.40 -26.18 -10.54
N GLY D 119 4.16 -25.08 -10.51
CA GLY D 119 3.58 -23.75 -10.55
C GLY D 119 3.39 -23.21 -11.95
N LEU D 120 3.01 -21.93 -12.00
CA LEU D 120 2.52 -21.34 -13.24
C LEU D 120 3.62 -21.19 -14.29
N LEU D 121 4.83 -20.82 -13.87
CA LEU D 121 5.91 -20.53 -14.81
C LEU D 121 6.79 -21.74 -15.09
N VAL D 122 6.32 -22.94 -14.76
CA VAL D 122 7.08 -24.15 -15.06
C VAL D 122 7.07 -24.39 -16.56
N GLU D 123 8.25 -24.69 -17.12
CA GLU D 123 8.35 -24.98 -18.55
C GLU D 123 7.65 -26.30 -18.87
N LEU D 124 6.70 -26.25 -19.80
CA LEU D 124 5.95 -27.44 -20.20
C LEU D 124 6.25 -27.89 -21.62
N ALA D 125 6.66 -26.98 -22.50
CA ALA D 125 6.97 -27.30 -23.89
C ALA D 125 8.34 -26.72 -24.23
N GLU D 126 8.84 -27.14 -25.40
CA GLU D 126 10.27 -27.01 -25.73
C GLU D 126 10.85 -25.60 -25.57
N PRO D 127 10.27 -24.53 -26.18
CA PRO D 127 10.91 -23.20 -26.13
C PRO D 127 10.49 -22.36 -24.92
N GLY D 128 10.56 -22.96 -23.74
CA GLY D 128 10.22 -22.24 -22.52
C GLY D 128 8.75 -21.92 -22.38
N VAL D 129 7.88 -22.76 -22.92
CA VAL D 129 6.44 -22.52 -22.87
C VAL D 129 5.92 -22.96 -21.51
N THR D 130 5.13 -22.09 -20.89
CA THR D 130 4.53 -22.35 -19.58
C THR D 130 3.02 -22.52 -19.73
N LEU D 131 2.38 -22.91 -18.63
CA LEU D 131 0.92 -22.99 -18.60
C LEU D 131 0.28 -21.62 -18.82
N ARG D 132 1.00 -20.55 -18.48
CA ARG D 132 0.50 -19.20 -18.72
C ARG D 132 0.40 -18.92 -20.22
N ASP D 133 1.42 -19.30 -21.00
CA ASP D 133 1.34 -19.15 -22.45
C ASP D 133 0.20 -19.97 -23.02
N VAL D 134 -0.01 -21.17 -22.46
CA VAL D 134 -1.08 -22.04 -22.93
C VAL D 134 -2.44 -21.40 -22.67
N ALA D 135 -2.61 -20.78 -21.51
CA ALA D 135 -3.89 -20.15 -21.18
C ALA D 135 -4.20 -19.02 -22.15
N VAL D 136 -3.21 -18.18 -22.46
CA VAL D 136 -3.39 -17.13 -23.46
C VAL D 136 -3.82 -17.73 -24.79
N ASP D 137 -3.15 -18.82 -25.18
CA ASP D 137 -3.29 -19.32 -26.54
C ASP D 137 -4.62 -20.01 -26.79
N VAL D 138 -5.27 -20.53 -25.75
CA VAL D 138 -6.60 -21.11 -25.87
C VAL D 138 -7.67 -20.23 -25.22
N ALA D 139 -7.29 -19.04 -24.76
CA ALA D 139 -8.22 -18.11 -24.11
C ALA D 139 -8.87 -18.73 -22.89
N ALA D 140 -8.06 -19.30 -22.01
CA ALA D 140 -8.55 -19.94 -20.80
C ALA D 140 -8.24 -19.09 -19.59
N ALA D 141 -9.21 -19.00 -18.69
CA ALA D 141 -8.95 -18.43 -17.38
C ALA D 141 -8.14 -19.43 -16.54
N ALA D 142 -7.69 -18.98 -15.37
CA ALA D 142 -6.80 -19.77 -14.54
C ALA D 142 -7.36 -19.93 -13.14
N LEU D 143 -7.51 -21.18 -12.70
CA LEU D 143 -7.84 -21.49 -11.32
C LEU D 143 -6.55 -21.81 -10.58
N VAL D 144 -6.28 -21.07 -9.51
CA VAL D 144 -5.01 -21.14 -8.79
C VAL D 144 -5.23 -21.92 -7.50
N VAL D 145 -4.53 -23.04 -7.38
CA VAL D 145 -4.58 -23.86 -6.17
C VAL D 145 -3.50 -23.37 -5.21
N VAL D 146 -3.89 -23.12 -3.96
CA VAL D 146 -2.98 -22.61 -2.95
C VAL D 146 -3.06 -23.49 -1.71
N THR D 147 -2.10 -23.31 -0.82
CA THR D 147 -2.11 -23.94 0.49
C THR D 147 -2.55 -22.95 1.55
N ALA D 148 -2.77 -23.47 2.76
CA ALA D 148 -2.99 -22.64 3.93
C ALA D 148 -1.73 -22.47 4.75
N ASP D 149 -0.59 -22.93 4.23
CA ASP D 149 0.64 -22.96 4.99
C ASP D 149 1.32 -21.59 5.02
N LEU D 150 2.28 -21.45 5.94
CA LEU D 150 3.11 -20.26 6.03
C LEU D 150 3.76 -19.96 4.69
N GLY D 151 3.66 -18.70 4.26
CA GLY D 151 4.23 -18.27 3.00
C GLY D 151 3.28 -18.30 1.82
N THR D 152 2.01 -18.67 2.03
CA THR D 152 1.10 -18.83 0.89
C THR D 152 0.62 -17.49 0.34
N LEU D 153 0.57 -16.44 1.17
CA LEU D 153 0.13 -15.14 0.68
C LEU D 153 1.09 -14.59 -0.37
N ASN D 154 2.38 -14.64 -0.07
CA ASN D 154 3.38 -14.12 -1.01
C ASN D 154 3.35 -14.89 -2.32
N HIS D 155 3.30 -16.22 -2.25
CA HIS D 155 3.29 -17.03 -3.46
C HIS D 155 2.00 -16.81 -4.26
N THR D 156 0.88 -16.62 -3.58
CA THR D 156 -0.38 -16.35 -4.28
C THR D 156 -0.35 -15.02 -4.99
N LYS D 157 0.07 -13.96 -4.29
CA LYS D 157 0.19 -12.64 -4.90
C LYS D 157 1.15 -12.68 -6.09
N LEU D 158 2.26 -13.39 -5.95
CA LEU D 158 3.21 -13.51 -7.06
C LEU D 158 2.57 -14.20 -8.26
N THR D 159 1.82 -15.28 -8.02
CA THR D 159 1.17 -16.01 -9.11
C THR D 159 0.10 -15.15 -9.78
N LEU D 160 -0.68 -14.42 -8.98
CA LEU D 160 -1.78 -13.62 -9.54
C LEU D 160 -1.24 -12.44 -10.34
N GLU D 161 -0.13 -11.85 -9.90
CA GLU D 161 0.50 -10.81 -10.68
C GLU D 161 1.00 -11.35 -12.02
N ALA D 162 1.51 -12.59 -12.03
CA ALA D 162 2.00 -13.17 -13.27
C ALA D 162 0.86 -13.44 -14.25
N LEU D 163 -0.30 -13.87 -13.75
CA LEU D 163 -1.46 -14.05 -14.60
C LEU D 163 -1.93 -12.72 -15.19
N ALA D 164 -2.03 -11.69 -14.34
CA ALA D 164 -2.47 -10.39 -14.81
C ALA D 164 -1.49 -9.79 -15.81
N ALA D 165 -0.20 -10.12 -15.68
CA ALA D 165 0.80 -9.52 -16.57
C ALA D 165 0.56 -9.89 -18.02
N GLN D 166 0.02 -11.09 -18.29
CA GLN D 166 -0.35 -11.49 -19.64
C GLN D 166 -1.87 -11.50 -19.83
N GLN D 167 -2.60 -10.83 -18.95
CA GLN D 167 -4.05 -10.67 -19.06
C GLN D 167 -4.76 -12.02 -19.16
N VAL D 168 -4.35 -12.93 -18.29
CA VAL D 168 -5.06 -14.19 -18.08
C VAL D 168 -5.98 -13.99 -16.87
N SER D 169 -7.28 -14.19 -17.07
CA SER D 169 -8.23 -14.00 -16.00
C SER D 169 -8.03 -15.04 -14.91
N CYS D 170 -8.14 -14.61 -13.65
CA CYS D 170 -8.10 -15.51 -12.51
C CYS D 170 -9.52 -15.96 -12.19
N ALA D 171 -9.77 -17.26 -12.30
CA ALA D 171 -11.07 -17.81 -11.96
C ALA D 171 -11.28 -17.92 -10.46
N GLY D 172 -10.25 -17.66 -9.66
CA GLY D 172 -10.34 -17.70 -8.22
C GLY D 172 -9.28 -18.58 -7.62
N LEU D 173 -9.41 -18.84 -6.32
CA LEU D 173 -8.47 -19.67 -5.59
C LEU D 173 -9.18 -20.87 -5.00
N VAL D 174 -8.45 -21.96 -4.84
CA VAL D 174 -8.89 -23.12 -4.08
C VAL D 174 -7.76 -23.52 -3.16
N ILE D 175 -8.05 -23.64 -1.87
CA ILE D 175 -7.12 -24.20 -0.91
C ILE D 175 -7.11 -25.71 -1.11
N GLY D 176 -5.95 -26.26 -1.47
CA GLY D 176 -5.88 -27.65 -1.85
C GLY D 176 -6.10 -28.61 -0.69
N SER D 177 -5.79 -28.19 0.53
CA SER D 177 -5.93 -29.04 1.69
C SER D 177 -6.16 -28.16 2.92
N TRP D 178 -7.34 -28.25 3.51
CA TRP D 178 -7.71 -27.41 4.64
C TRP D 178 -7.64 -28.23 5.93
N PRO D 179 -6.84 -27.82 6.91
CA PRO D 179 -6.68 -28.62 8.12
C PRO D 179 -7.90 -28.53 9.05
N ASP D 180 -8.09 -29.60 9.81
CA ASP D 180 -9.17 -29.66 10.80
C ASP D 180 -8.64 -30.25 12.10
N PRO D 181 -8.49 -29.45 13.16
CA PRO D 181 -8.79 -28.01 13.16
C PRO D 181 -7.65 -27.17 12.59
N PRO D 182 -7.98 -25.99 12.08
CA PRO D 182 -6.93 -25.10 11.53
C PRO D 182 -6.22 -24.33 12.64
N GLY D 183 -4.89 -24.30 12.57
CA GLY D 183 -4.10 -23.54 13.50
C GLY D 183 -4.21 -22.05 13.24
N LEU D 184 -3.39 -21.30 13.97
CA LEU D 184 -3.41 -19.84 13.83
C LEU D 184 -3.01 -19.40 12.43
N VAL D 185 -1.99 -20.04 11.85
CA VAL D 185 -1.49 -19.63 10.54
C VAL D 185 -2.52 -19.94 9.46
N ALA D 186 -3.10 -21.14 9.50
CA ALA D 186 -4.08 -21.53 8.49
C ALA D 186 -5.30 -20.63 8.54
N ALA D 187 -5.85 -20.43 9.74
CA ALA D 187 -7.06 -19.61 9.87
C ALA D 187 -6.80 -18.18 9.43
N SER D 188 -5.64 -17.63 9.78
CA SER D 188 -5.30 -16.27 9.31
C SER D 188 -5.12 -16.24 7.80
N ASN D 189 -4.48 -17.27 7.23
CA ASN D 189 -4.21 -17.26 5.80
C ASN D 189 -5.50 -17.32 4.99
N ARG D 190 -6.46 -18.13 5.43
CA ARG D 190 -7.74 -18.20 4.72
C ARG D 190 -8.41 -16.84 4.66
N SER D 191 -8.41 -16.11 5.78
CA SER D 191 -9.00 -14.77 5.78
C SER D 191 -8.27 -13.85 4.80
N ALA D 192 -6.94 -13.86 4.85
CA ALA D 192 -6.16 -12.99 3.96
C ALA D 192 -6.30 -13.41 2.50
N LEU D 193 -6.35 -14.72 2.23
CA LEU D 193 -6.53 -15.19 0.86
C LEU D 193 -7.85 -14.70 0.28
N ALA D 194 -8.92 -14.73 1.08
CA ALA D 194 -10.21 -14.24 0.61
C ALA D 194 -10.15 -12.75 0.31
N ARG D 195 -9.30 -12.01 1.01
CA ARG D 195 -9.09 -10.60 0.69
C ARG D 195 -8.37 -10.44 -0.65
N ILE D 196 -7.57 -11.43 -1.04
CA ILE D 196 -6.78 -11.33 -2.26
C ILE D 196 -7.61 -11.68 -3.49
N ALA D 197 -8.47 -12.70 -3.37
CA ALA D 197 -9.26 -13.17 -4.49
C ALA D 197 -10.41 -14.01 -3.96
N MET D 198 -11.27 -14.46 -4.86
CA MET D 198 -12.39 -15.31 -4.50
C MET D 198 -11.88 -16.72 -4.22
N VAL D 199 -12.14 -17.23 -3.02
CA VAL D 199 -11.80 -18.59 -2.66
C VAL D 199 -13.00 -19.47 -3.02
N ARG D 200 -12.86 -20.23 -4.11
CA ARG D 200 -13.96 -21.07 -4.60
C ARG D 200 -14.22 -22.28 -3.72
N ALA D 201 -13.22 -22.77 -3.00
CA ALA D 201 -13.36 -23.96 -2.17
C ALA D 201 -12.14 -24.16 -1.28
N ALA D 202 -12.32 -24.83 -0.15
CA ALA D 202 -11.22 -25.28 0.69
C ALA D 202 -11.42 -26.78 0.91
N LEU D 203 -10.68 -27.58 0.15
CA LEU D 203 -10.85 -29.02 0.21
C LEU D 203 -10.35 -29.54 1.56
N PRO D 204 -11.11 -30.39 2.24
CA PRO D 204 -10.63 -30.92 3.52
C PRO D 204 -9.41 -31.79 3.32
N ALA D 205 -8.49 -31.72 4.29
CA ALA D 205 -7.28 -32.54 4.24
C ALA D 205 -7.66 -34.02 4.17
N GLY D 206 -6.87 -34.79 3.42
CA GLY D 206 -7.14 -36.19 3.21
C GLY D 206 -8.26 -36.49 2.22
N ALA D 207 -8.69 -35.50 1.44
CA ALA D 207 -9.80 -35.71 0.51
C ALA D 207 -9.42 -36.67 -0.61
N ALA D 208 -8.14 -36.73 -0.98
CA ALA D 208 -7.71 -37.62 -2.06
C ALA D 208 -7.79 -39.09 -1.69
N SER D 209 -8.00 -39.41 -0.41
CA SER D 209 -8.12 -40.79 0.05
C SER D 209 -9.56 -41.24 0.23
N LEU D 210 -10.53 -40.38 -0.06
CA LEU D 210 -11.93 -40.81 -0.01
C LEU D 210 -12.24 -41.73 -1.19
N ASP D 211 -13.26 -42.56 -1.02
CA ASP D 211 -13.74 -43.36 -2.13
C ASP D 211 -14.61 -42.49 -3.05
N ALA D 212 -15.08 -43.09 -4.15
CA ALA D 212 -15.86 -42.33 -5.12
C ALA D 212 -17.11 -41.73 -4.49
N GLY D 213 -17.79 -42.50 -3.64
CA GLY D 213 -19.00 -41.98 -3.01
C GLY D 213 -18.73 -40.80 -2.11
N ASP D 214 -17.76 -40.92 -1.21
CA ASP D 214 -17.44 -39.82 -0.30
C ASP D 214 -16.91 -38.61 -1.04
N PHE D 215 -15.99 -38.84 -1.99
CA PHE D 215 -15.39 -37.71 -2.72
C PHE D 215 -16.44 -36.91 -3.46
N ALA D 216 -17.49 -37.57 -3.98
CA ALA D 216 -18.53 -36.85 -4.69
C ALA D 216 -19.34 -35.97 -3.75
N ALA D 217 -19.69 -36.48 -2.56
CA ALA D 217 -20.40 -35.65 -1.59
C ALA D 217 -19.53 -34.49 -1.11
N MET D 218 -18.24 -34.74 -0.93
CA MET D 218 -17.33 -33.65 -0.54
C MET D 218 -17.24 -32.61 -1.64
N SER D 219 -17.12 -33.03 -2.90
CA SER D 219 -16.92 -32.09 -3.99
C SER D 219 -18.16 -31.26 -4.26
N ALA D 220 -19.34 -31.85 -4.10
CA ALA D 220 -20.57 -31.09 -4.28
C ALA D 220 -20.71 -30.01 -3.21
N ALA D 221 -20.27 -30.30 -1.99
CA ALA D 221 -20.37 -29.32 -0.91
C ALA D 221 -19.21 -28.33 -0.94
N ALA D 222 -18.07 -28.71 -1.52
CA ALA D 222 -16.89 -27.86 -1.49
C ALA D 222 -17.10 -26.59 -2.31
N PHE D 223 -17.73 -26.70 -3.47
CA PHE D 223 -17.91 -25.57 -4.37
C PHE D 223 -19.32 -25.02 -4.30
N ASP D 224 -19.46 -23.74 -4.64
CA ASP D 224 -20.77 -23.15 -4.81
C ASP D 224 -21.42 -23.69 -6.07
N ARG D 225 -22.64 -24.21 -5.93
CA ARG D 225 -23.31 -24.86 -7.05
C ARG D 225 -23.61 -23.88 -8.18
N ASN D 226 -23.90 -22.62 -7.84
CA ASN D 226 -24.19 -21.63 -8.87
C ASN D 226 -22.93 -21.27 -9.65
N TRP D 227 -21.79 -21.13 -8.97
CA TRP D 227 -20.55 -20.82 -9.66
C TRP D 227 -20.13 -21.97 -10.57
N VAL D 228 -20.28 -23.21 -10.10
CA VAL D 228 -19.93 -24.38 -10.90
C VAL D 228 -20.79 -24.43 -12.16
N ALA D 229 -22.11 -24.33 -11.99
CA ALA D 229 -23.01 -24.42 -13.14
C ALA D 229 -22.77 -23.27 -14.11
N GLY D 230 -22.47 -22.08 -13.59
CA GLY D 230 -22.16 -20.93 -14.41
C GLY D 230 -20.86 -21.04 -15.18
N LEU D 231 -20.05 -22.06 -14.91
CA LEU D 231 -18.84 -22.26 -15.71
C LEU D 231 -19.18 -22.71 -17.13
N VAL D 232 -20.29 -23.42 -17.31
CA VAL D 232 -20.73 -23.85 -18.64
C VAL D 232 -19.61 -24.55 -19.42
#